data_4OH8
# 
_entry.id   4OH8 
# 
_audit_conform.dict_name       mmcif_pdbx.dic 
_audit_conform.dict_version    5.387 
_audit_conform.dict_location   http://mmcif.pdb.org/dictionaries/ascii/mmcif_pdbx.dic 
# 
loop_
_database_2.database_id 
_database_2.database_code 
_database_2.pdbx_database_accession 
_database_2.pdbx_DOI 
PDB   4OH8         pdb_00004oh8 10.2210/pdb4oh8/pdb 
RCSB  RCSB084489   ?            ?                   
WWPDB D_1000084489 ?            ?                   
# 
loop_
_pdbx_audit_revision_history.ordinal 
_pdbx_audit_revision_history.data_content_type 
_pdbx_audit_revision_history.major_revision 
_pdbx_audit_revision_history.minor_revision 
_pdbx_audit_revision_history.revision_date 
1 'Structure model' 1 0 2014-07-23 
2 'Structure model' 1 1 2024-02-28 
# 
_pdbx_audit_revision_details.ordinal             1 
_pdbx_audit_revision_details.revision_ordinal    1 
_pdbx_audit_revision_details.data_content_type   'Structure model' 
_pdbx_audit_revision_details.provider            repository 
_pdbx_audit_revision_details.type                'Initial release' 
_pdbx_audit_revision_details.description         ? 
_pdbx_audit_revision_details.details             ? 
# 
loop_
_pdbx_audit_revision_group.ordinal 
_pdbx_audit_revision_group.revision_ordinal 
_pdbx_audit_revision_group.data_content_type 
_pdbx_audit_revision_group.group 
1 2 'Structure model' 'Data collection'     
2 2 'Structure model' 'Database references' 
# 
loop_
_pdbx_audit_revision_category.ordinal 
_pdbx_audit_revision_category.revision_ordinal 
_pdbx_audit_revision_category.data_content_type 
_pdbx_audit_revision_category.category 
1 2 'Structure model' chem_comp_atom     
2 2 'Structure model' chem_comp_bond     
3 2 'Structure model' database_2         
4 2 'Structure model' struct_ref_seq_dif 
# 
loop_
_pdbx_audit_revision_item.ordinal 
_pdbx_audit_revision_item.revision_ordinal 
_pdbx_audit_revision_item.data_content_type 
_pdbx_audit_revision_item.item 
1 2 'Structure model' '_database_2.pdbx_DOI'                
2 2 'Structure model' '_database_2.pdbx_database_accession' 
3 2 'Structure model' '_struct_ref_seq_dif.details'         
# 
_pdbx_database_status.status_code                     REL 
_pdbx_database_status.entry_id                        4OH8 
_pdbx_database_status.recvd_initial_deposition_date   2014-01-17 
_pdbx_database_status.deposit_site                    RCSB 
_pdbx_database_status.process_site                    RCSB 
_pdbx_database_status.status_code_sf                  REL 
_pdbx_database_status.status_code_mr                  ? 
_pdbx_database_status.SG_entry                        ? 
_pdbx_database_status.status_code_cs                  ? 
_pdbx_database_status.methods_development_category    ? 
_pdbx_database_status.pdb_format_compatible           Y 
_pdbx_database_status.status_code_nmr_data            ? 
# 
_pdbx_database_related.db_name        PDB 
_pdbx_database_related.db_id          4OH9 
_pdbx_database_related.details        . 
_pdbx_database_related.content_type   unspecified 
# 
loop_
_audit_author.name 
_audit_author.pdbx_ordinal 
'Hwang, E.'      1  
'Cheong, H.-K.'  2  
'Ul Mushtaq, A.' 3  
'Kim, H.-Y.'     4  
'Yeo, K.J.'      5  
'Kim, E.'        6  
'Lee, W.C.'      7  
'Hwang, K.Y.'    8  
'Cheong, C.'     9  
'Jeon, Y.H.'     10 
# 
_citation.id                        primary 
_citation.title                     
'Structural basis of the heterodimerization of the MST and RASSF SARAH domains in the Hippo signalling pathway.' 
_citation.journal_abbrev            'Acta Crystallogr.,Sect.D' 
_citation.journal_volume            70 
_citation.page_first                1944 
_citation.page_last                 1953 
_citation.year                      2014 
_citation.journal_id_ASTM           ABCRE6 
_citation.country                   DK 
_citation.journal_id_ISSN           0907-4449 
_citation.journal_id_CSD            0766 
_citation.book_publisher            ? 
_citation.pdbx_database_id_PubMed   25004971 
_citation.pdbx_database_id_DOI      10.1107/S139900471400947X 
# 
loop_
_citation_author.citation_id 
_citation_author.name 
_citation_author.ordinal 
_citation_author.identifier_ORCID 
primary 'Hwang, E.'     1  ? 
primary 'Cheong, H.K.'  2  ? 
primary 'Mushtaq, A.U.' 3  ? 
primary 'Kim, H.Y.'     4  ? 
primary 'Yeo, K.J.'     5  ? 
primary 'Kim, E.'       6  ? 
primary 'Lee, W.C.'     7  ? 
primary 'Hwang, K.Y.'   8  ? 
primary 'Cheong, C.'    9  ? 
primary 'Jeon, Y.H.'    10 ? 
# 
loop_
_entity.id 
_entity.type 
_entity.src_method 
_entity.pdbx_description 
_entity.formula_weight 
_entity.pdbx_number_of_molecules 
_entity.pdbx_ec 
_entity.pdbx_mutation 
_entity.pdbx_fragment 
_entity.details 
1 polymer man 'Serine/threonine-protein kinase 4'           6119.969 1  2.7.11.1 ? 'MST1 SARAH domain'   ? 
2 polymer man 'Ras association domain-containing protein 5' 6519.258 1  ?        ? 'RASSF5 SARAH domain' ? 
3 water   nat water                                         18.015   22 ?        ? ?                     ? 
# 
loop_
_entity_name_com.entity_id 
_entity_name_com.name 
1 
;Mammalian STE20-like protein kinase 1, MST-1, STE20-like kinase MST1, Serine/threonine-protein kinase Krs-2, Serine/threonine-protein kinase 4 37kDa subunit, MST1/N, Serine/threonine-protein kinase 4 18kDa subunit, MST1/C
;
2 'New ras effector 1, Regulator for cell adhesion and polarization enriched in lymphoid tissues, RAPL' 
# 
loop_
_entity_poly.entity_id 
_entity_poly.type 
_entity_poly.nstd_linkage 
_entity_poly.nstd_monomer 
_entity_poly.pdbx_seq_one_letter_code 
_entity_poly.pdbx_seq_one_letter_code_can 
_entity_poly.pdbx_strand_id 
_entity_poly.pdbx_target_identifier 
1 'polypeptide(L)' no no GSDYEFLKSWTVEDLQKRLLALDPMMEQEIEEIRQKYQSKRQPILDAIEAK     
GSDYEFLKSWTVEDLQKRLLALDPMMEQEIEEIRQKYQSKRQPILDAIEAK     A ? 
2 'polypeptide(L)' no no GSEVEWDAFSIPELQNFLTILEKEEQDKIQQVQKKYDKFRQKLEEALRESQGKPG 
GSEVEWDAFSIPELQNFLTILEKEEQDKIQQVQKKYDKFRQKLEEALRESQGKPG B ? 
# 
_pdbx_entity_nonpoly.entity_id   3 
_pdbx_entity_nonpoly.name        water 
_pdbx_entity_nonpoly.comp_id     HOH 
# 
loop_
_entity_poly_seq.entity_id 
_entity_poly_seq.num 
_entity_poly_seq.mon_id 
_entity_poly_seq.hetero 
1 1  GLY n 
1 2  SER n 
1 3  ASP n 
1 4  TYR n 
1 5  GLU n 
1 6  PHE n 
1 7  LEU n 
1 8  LYS n 
1 9  SER n 
1 10 TRP n 
1 11 THR n 
1 12 VAL n 
1 13 GLU n 
1 14 ASP n 
1 15 LEU n 
1 16 GLN n 
1 17 LYS n 
1 18 ARG n 
1 19 LEU n 
1 20 LEU n 
1 21 ALA n 
1 22 LEU n 
1 23 ASP n 
1 24 PRO n 
1 25 MET n 
1 26 MET n 
1 27 GLU n 
1 28 GLN n 
1 29 GLU n 
1 30 ILE n 
1 31 GLU n 
1 32 GLU n 
1 33 ILE n 
1 34 ARG n 
1 35 GLN n 
1 36 LYS n 
1 37 TYR n 
1 38 GLN n 
1 39 SER n 
1 40 LYS n 
1 41 ARG n 
1 42 GLN n 
1 43 PRO n 
1 44 ILE n 
1 45 LEU n 
1 46 ASP n 
1 47 ALA n 
1 48 ILE n 
1 49 GLU n 
1 50 ALA n 
1 51 LYS n 
2 1  GLY n 
2 2  SER n 
2 3  GLU n 
2 4  VAL n 
2 5  GLU n 
2 6  TRP n 
2 7  ASP n 
2 8  ALA n 
2 9  PHE n 
2 10 SER n 
2 11 ILE n 
2 12 PRO n 
2 13 GLU n 
2 14 LEU n 
2 15 GLN n 
2 16 ASN n 
2 17 PHE n 
2 18 LEU n 
2 19 THR n 
2 20 ILE n 
2 21 LEU n 
2 22 GLU n 
2 23 LYS n 
2 24 GLU n 
2 25 GLU n 
2 26 GLN n 
2 27 ASP n 
2 28 LYS n 
2 29 ILE n 
2 30 GLN n 
2 31 GLN n 
2 32 VAL n 
2 33 GLN n 
2 34 LYS n 
2 35 LYS n 
2 36 TYR n 
2 37 ASP n 
2 38 LYS n 
2 39 PHE n 
2 40 ARG n 
2 41 GLN n 
2 42 LYS n 
2 43 LEU n 
2 44 GLU n 
2 45 GLU n 
2 46 ALA n 
2 47 LEU n 
2 48 ARG n 
2 49 GLU n 
2 50 SER n 
2 51 GLN n 
2 52 GLY n 
2 53 LYS n 
2 54 PRO n 
2 55 GLY n 
# 
loop_
_entity_src_gen.entity_id 
_entity_src_gen.pdbx_src_id 
_entity_src_gen.pdbx_alt_source_flag 
_entity_src_gen.pdbx_seq_type 
_entity_src_gen.pdbx_beg_seq_num 
_entity_src_gen.pdbx_end_seq_num 
_entity_src_gen.gene_src_common_name 
_entity_src_gen.gene_src_genus 
_entity_src_gen.pdbx_gene_src_gene 
_entity_src_gen.gene_src_species 
_entity_src_gen.gene_src_strain 
_entity_src_gen.gene_src_tissue 
_entity_src_gen.gene_src_tissue_fraction 
_entity_src_gen.gene_src_details 
_entity_src_gen.pdbx_gene_src_fragment 
_entity_src_gen.pdbx_gene_src_scientific_name 
_entity_src_gen.pdbx_gene_src_ncbi_taxonomy_id 
_entity_src_gen.pdbx_gene_src_variant 
_entity_src_gen.pdbx_gene_src_cell_line 
_entity_src_gen.pdbx_gene_src_atcc 
_entity_src_gen.pdbx_gene_src_organ 
_entity_src_gen.pdbx_gene_src_organelle 
_entity_src_gen.pdbx_gene_src_cell 
_entity_src_gen.pdbx_gene_src_cellular_location 
_entity_src_gen.host_org_common_name 
_entity_src_gen.pdbx_host_org_scientific_name 
_entity_src_gen.pdbx_host_org_ncbi_taxonomy_id 
_entity_src_gen.host_org_genus 
_entity_src_gen.pdbx_host_org_gene 
_entity_src_gen.pdbx_host_org_organ 
_entity_src_gen.host_org_species 
_entity_src_gen.pdbx_host_org_tissue 
_entity_src_gen.pdbx_host_org_tissue_fraction 
_entity_src_gen.pdbx_host_org_strain 
_entity_src_gen.pdbx_host_org_variant 
_entity_src_gen.pdbx_host_org_cell_line 
_entity_src_gen.pdbx_host_org_atcc 
_entity_src_gen.pdbx_host_org_culture_collection 
_entity_src_gen.pdbx_host_org_cell 
_entity_src_gen.pdbx_host_org_organelle 
_entity_src_gen.pdbx_host_org_cellular_location 
_entity_src_gen.pdbx_host_org_vector_type 
_entity_src_gen.pdbx_host_org_vector 
_entity_src_gen.host_org_details 
_entity_src_gen.expression_system_id 
_entity_src_gen.plasmid_name 
_entity_src_gen.plasmid_details 
_entity_src_gen.pdbx_description 
1 1 sample ? ? ? human ? 'STK4, KRS2, MST1'    ? ? ? ? ? ? 'Homo sapiens' 9606 ? ? ? ? ? ? ? ? 'Escherichia coli' 511693 ? ? ? ? ? 
? BL21 ? ? ? ? ? ? ? PLASMID ? ? ? pGEX4T-1 ? ? 
2 1 sample ? ? ? human ? 'RASSF5, NORE1, RAPL' ? ? ? ? ? ? 'Homo sapiens' 9606 ? ? ? ? ? ? ? ? 'Escherichia coli' 511693 ? ? ? ? ? 
? BL21 ? ? ? ? ? ? ? PLASMID ? ? ? pGEX4T-1 ? ? 
# 
loop_
_chem_comp.id 
_chem_comp.type 
_chem_comp.mon_nstd_flag 
_chem_comp.name 
_chem_comp.pdbx_synonyms 
_chem_comp.formula 
_chem_comp.formula_weight 
ALA 'L-peptide linking' y ALANINE         ? 'C3 H7 N O2'     89.093  
ARG 'L-peptide linking' y ARGININE        ? 'C6 H15 N4 O2 1' 175.209 
ASN 'L-peptide linking' y ASPARAGINE      ? 'C4 H8 N2 O3'    132.118 
ASP 'L-peptide linking' y 'ASPARTIC ACID' ? 'C4 H7 N O4'     133.103 
GLN 'L-peptide linking' y GLUTAMINE       ? 'C5 H10 N2 O3'   146.144 
GLU 'L-peptide linking' y 'GLUTAMIC ACID' ? 'C5 H9 N O4'     147.129 
GLY 'peptide linking'   y GLYCINE         ? 'C2 H5 N O2'     75.067  
HOH non-polymer         . WATER           ? 'H2 O'           18.015  
ILE 'L-peptide linking' y ISOLEUCINE      ? 'C6 H13 N O2'    131.173 
LEU 'L-peptide linking' y LEUCINE         ? 'C6 H13 N O2'    131.173 
LYS 'L-peptide linking' y LYSINE          ? 'C6 H15 N2 O2 1' 147.195 
MET 'L-peptide linking' y METHIONINE      ? 'C5 H11 N O2 S'  149.211 
PHE 'L-peptide linking' y PHENYLALANINE   ? 'C9 H11 N O2'    165.189 
PRO 'L-peptide linking' y PROLINE         ? 'C5 H9 N O2'     115.130 
SER 'L-peptide linking' y SERINE          ? 'C3 H7 N O3'     105.093 
THR 'L-peptide linking' y THREONINE       ? 'C4 H9 N O3'     119.119 
TRP 'L-peptide linking' y TRYPTOPHAN      ? 'C11 H12 N2 O2'  204.225 
TYR 'L-peptide linking' y TYROSINE        ? 'C9 H11 N O3'    181.189 
VAL 'L-peptide linking' y VALINE          ? 'C5 H11 N O2'    117.146 
# 
loop_
_pdbx_poly_seq_scheme.asym_id 
_pdbx_poly_seq_scheme.entity_id 
_pdbx_poly_seq_scheme.seq_id 
_pdbx_poly_seq_scheme.mon_id 
_pdbx_poly_seq_scheme.ndb_seq_num 
_pdbx_poly_seq_scheme.pdb_seq_num 
_pdbx_poly_seq_scheme.auth_seq_num 
_pdbx_poly_seq_scheme.pdb_mon_id 
_pdbx_poly_seq_scheme.auth_mon_id 
_pdbx_poly_seq_scheme.pdb_strand_id 
_pdbx_poly_seq_scheme.pdb_ins_code 
_pdbx_poly_seq_scheme.hetero 
A 1 1  GLY 1  1  ?  ?   ?   A . n 
A 1 2  SER 2  2  ?  ?   ?   A . n 
A 1 3  ASP 3  3  ?  ?   ?   A . n 
A 1 4  TYR 4  4  ?  ?   ?   A . n 
A 1 5  GLU 5  5  ?  ?   ?   A . n 
A 1 6  PHE 6  6  ?  ?   ?   A . n 
A 1 7  LEU 7  7  ?  ?   ?   A . n 
A 1 8  LYS 8  8  ?  ?   ?   A . n 
A 1 9  SER 9  9  9  SER SER A . n 
A 1 10 TRP 10 10 10 TRP TRP A . n 
A 1 11 THR 11 11 11 THR THR A . n 
A 1 12 VAL 12 12 12 VAL VAL A . n 
A 1 13 GLU 13 13 13 GLU GLU A . n 
A 1 14 ASP 14 14 14 ASP ASP A . n 
A 1 15 LEU 15 15 15 LEU LEU A . n 
A 1 16 GLN 16 16 16 GLN GLN A . n 
A 1 17 LYS 17 17 17 LYS LYS A . n 
A 1 18 ARG 18 18 18 ARG ARG A . n 
A 1 19 LEU 19 19 19 LEU LEU A . n 
A 1 20 LEU 20 20 20 LEU LEU A . n 
A 1 21 ALA 21 21 21 ALA ALA A . n 
A 1 22 LEU 22 22 22 LEU LEU A . n 
A 1 23 ASP 23 23 23 ASP ASP A . n 
A 1 24 PRO 24 24 24 PRO PRO A . n 
A 1 25 MET 25 25 25 MET MET A . n 
A 1 26 MET 26 26 26 MET MET A . n 
A 1 27 GLU 27 27 27 GLU GLU A . n 
A 1 28 GLN 28 28 28 GLN GLN A . n 
A 1 29 GLU 29 29 29 GLU GLU A . n 
A 1 30 ILE 30 30 30 ILE ILE A . n 
A 1 31 GLU 31 31 31 GLU GLU A . n 
A 1 32 GLU 32 32 32 GLU GLU A . n 
A 1 33 ILE 33 33 33 ILE ILE A . n 
A 1 34 ARG 34 34 34 ARG ARG A . n 
A 1 35 GLN 35 35 35 GLN GLN A . n 
A 1 36 LYS 36 36 36 LYS LYS A . n 
A 1 37 TYR 37 37 37 TYR TYR A . n 
A 1 38 GLN 38 38 38 GLN GLN A . n 
A 1 39 SER 39 39 39 SER SER A . n 
A 1 40 LYS 40 40 40 LYS LYS A . n 
A 1 41 ARG 41 41 41 ARG ARG A . n 
A 1 42 GLN 42 42 42 GLN GLN A . n 
A 1 43 PRO 43 43 43 PRO PRO A . n 
A 1 44 ILE 44 44 44 ILE ILE A . n 
A 1 45 LEU 45 45 45 LEU LEU A . n 
A 1 46 ASP 46 46 46 ASP ASP A . n 
A 1 47 ALA 47 47 47 ALA ALA A . n 
A 1 48 ILE 48 48 48 ILE ILE A . n 
A 1 49 GLU 49 49 49 GLU GLU A . n 
A 1 50 ALA 50 50 50 ALA ALA A . n 
A 1 51 LYS 51 51 51 LYS LYS A . n 
B 2 1  GLY 1  -1 ?  ?   ?   B . n 
B 2 2  SER 2  0  ?  ?   ?   B . n 
B 2 3  GLU 3  1  ?  ?   ?   B . n 
B 2 4  VAL 4  2  2  VAL VAL B . n 
B 2 5  GLU 5  3  3  GLU GLU B . n 
B 2 6  TRP 6  4  4  TRP TRP B . n 
B 2 7  ASP 7  5  5  ASP ASP B . n 
B 2 8  ALA 8  6  6  ALA ALA B . n 
B 2 9  PHE 9  7  7  PHE PHE B . n 
B 2 10 SER 10 8  8  SER SER B . n 
B 2 11 ILE 11 9  9  ILE ILE B . n 
B 2 12 PRO 12 10 10 PRO PRO B . n 
B 2 13 GLU 13 11 11 GLU GLU B . n 
B 2 14 LEU 14 12 12 LEU LEU B . n 
B 2 15 GLN 15 13 13 GLN GLN B . n 
B 2 16 ASN 16 14 14 ASN ASN B . n 
B 2 17 PHE 17 15 15 PHE PHE B . n 
B 2 18 LEU 18 16 16 LEU LEU B . n 
B 2 19 THR 19 17 17 THR THR B . n 
B 2 20 ILE 20 18 18 ILE ILE B . n 
B 2 21 LEU 21 19 19 LEU LEU B . n 
B 2 22 GLU 22 20 20 GLU GLU B . n 
B 2 23 LYS 23 21 21 LYS LYS B . n 
B 2 24 GLU 24 22 22 GLU GLU B . n 
B 2 25 GLU 25 23 23 GLU GLU B . n 
B 2 26 GLN 26 24 24 GLN GLN B . n 
B 2 27 ASP 27 25 25 ASP ASP B . n 
B 2 28 LYS 28 26 26 LYS LYS B . n 
B 2 29 ILE 29 27 27 ILE ILE B . n 
B 2 30 GLN 30 28 28 GLN GLN B . n 
B 2 31 GLN 31 29 29 GLN GLN B . n 
B 2 32 VAL 32 30 30 VAL VAL B . n 
B 2 33 GLN 33 31 31 GLN GLN B . n 
B 2 34 LYS 34 32 32 LYS LYS B . n 
B 2 35 LYS 35 33 33 LYS LYS B . n 
B 2 36 TYR 36 34 34 TYR TYR B . n 
B 2 37 ASP 37 35 35 ASP ASP B . n 
B 2 38 LYS 38 36 36 LYS LYS B . n 
B 2 39 PHE 39 37 37 PHE PHE B . n 
B 2 40 ARG 40 38 38 ARG ARG B . n 
B 2 41 GLN 41 39 39 GLN GLN B . n 
B 2 42 LYS 42 40 40 LYS LYS B . n 
B 2 43 LEU 43 41 41 LEU LEU B . n 
B 2 44 GLU 44 42 42 GLU GLU B . n 
B 2 45 GLU 45 43 43 GLU GLU B . n 
B 2 46 ALA 46 44 44 ALA ALA B . n 
B 2 47 LEU 47 45 45 LEU LEU B . n 
B 2 48 ARG 48 46 46 ARG ARG B . n 
B 2 49 GLU 49 47 47 GLU GLU B . n 
B 2 50 SER 50 48 ?  ?   ?   B . n 
B 2 51 GLN 51 49 ?  ?   ?   B . n 
B 2 52 GLY 52 50 ?  ?   ?   B . n 
B 2 53 LYS 53 51 ?  ?   ?   B . n 
B 2 54 PRO 54 52 ?  ?   ?   B . n 
B 2 55 GLY 55 53 ?  ?   ?   B . n 
# 
loop_
_pdbx_nonpoly_scheme.asym_id 
_pdbx_nonpoly_scheme.entity_id 
_pdbx_nonpoly_scheme.mon_id 
_pdbx_nonpoly_scheme.ndb_seq_num 
_pdbx_nonpoly_scheme.pdb_seq_num 
_pdbx_nonpoly_scheme.auth_seq_num 
_pdbx_nonpoly_scheme.pdb_mon_id 
_pdbx_nonpoly_scheme.auth_mon_id 
_pdbx_nonpoly_scheme.pdb_strand_id 
_pdbx_nonpoly_scheme.pdb_ins_code 
C 3 HOH 1  101 2  HOH HOH A . 
C 3 HOH 2  102 3  HOH HOH A . 
C 3 HOH 3  103 4  HOH HOH A . 
C 3 HOH 4  104 5  HOH HOH A . 
C 3 HOH 5  105 6  HOH HOH A . 
C 3 HOH 6  106 7  HOH HOH A . 
C 3 HOH 7  107 9  HOH HOH A . 
C 3 HOH 8  108 12 HOH HOH A . 
C 3 HOH 9  109 15 HOH HOH A . 
C 3 HOH 10 110 27 HOH HOH A . 
C 3 HOH 11 111 26 HOH HOH A . 
C 3 HOH 12 112 28 HOH HOH A . 
D 3 HOH 1  101 1  HOH HOH B . 
D 3 HOH 2  102 8  HOH HOH B . 
D 3 HOH 3  103 10 HOH HOH B . 
D 3 HOH 4  104 11 HOH HOH B . 
D 3 HOH 5  105 13 HOH HOH B . 
D 3 HOH 6  106 17 HOH HOH B . 
D 3 HOH 7  107 21 HOH HOH B . 
D 3 HOH 8  108 25 HOH HOH B . 
D 3 HOH 9  109 29 HOH HOH B . 
D 3 HOH 10 110 33 HOH HOH B . 
# 
loop_
_software.name 
_software.classification 
_software.version 
_software.citation_id 
_software.pdbx_ordinal 
ADSC      'data collection' Quantum                     ? 1 
SOLVE     phasing           .                           ? 2 
PHENIX    refinement        '(phenix.refine: 1.8_1069)' ? 3 
HKL-2000  'data reduction'  .                           ? 4 
SCALEPACK 'data scaling'    .                           ? 5 
# 
_cell.entry_id           4OH8 
_cell.length_a           27.940 
_cell.length_b           85.840 
_cell.length_c           92.790 
_cell.angle_alpha        90.00 
_cell.angle_beta         90.00 
_cell.angle_gamma        90.00 
_cell.Z_PDB              8 
_cell.pdbx_unique_axis   ? 
_cell.length_a_esd       ? 
_cell.length_b_esd       ? 
_cell.length_c_esd       ? 
_cell.angle_alpha_esd    ? 
_cell.angle_beta_esd     ? 
_cell.angle_gamma_esd    ? 
# 
_symmetry.entry_id                         4OH8 
_symmetry.space_group_name_H-M             'C 2 2 21' 
_symmetry.pdbx_full_space_group_name_H-M   ? 
_symmetry.cell_setting                     ? 
_symmetry.Int_Tables_number                20 
_symmetry.space_group_name_Hall            ? 
# 
_exptl.entry_id          4OH8 
_exptl.method            'X-RAY DIFFRACTION' 
_exptl.crystals_number   1 
# 
_exptl_crystal.id                    1 
_exptl_crystal.density_meas          ? 
_exptl_crystal.density_Matthews      2.20 
_exptl_crystal.density_percent_sol   44.11 
_exptl_crystal.description           ? 
_exptl_crystal.F_000                 ? 
_exptl_crystal.preparation           ? 
# 
_exptl_crystal_grow.crystal_id      1 
_exptl_crystal_grow.method          'VAPOR DIFFUSION, HANGING DROP' 
_exptl_crystal_grow.temp            293 
_exptl_crystal_grow.temp_details    ? 
_exptl_crystal_grow.pH              4.8 
_exptl_crystal_grow.pdbx_details    
'35% (v/v) 2-methyl-2,4-pentanediol (MPD) acetate, pH 4.8, VAPOR DIFFUSION, HANGING DROP, temperature 293K' 
_exptl_crystal_grow.pdbx_pH_range   ? 
# 
_diffrn.id                     1 
_diffrn.ambient_temp           100 
_diffrn.ambient_temp_details   ? 
_diffrn.crystal_id             1 
# 
_diffrn_detector.diffrn_id              1 
_diffrn_detector.detector               CCD 
_diffrn_detector.type                   'ADSC QUANTUM 315r' 
_diffrn_detector.pdbx_collection_date   2010-06-05 
_diffrn_detector.details                ? 
# 
_diffrn_radiation.diffrn_id                        1 
_diffrn_radiation.wavelength_id                    1 
_diffrn_radiation.pdbx_monochromatic_or_laue_m_l   M 
_diffrn_radiation.monochromator                    ? 
_diffrn_radiation.pdbx_diffrn_protocol             'SINGLE WAVELENGTH' 
_diffrn_radiation.pdbx_scattering_type             x-ray 
# 
_diffrn_radiation_wavelength.id           1 
_diffrn_radiation_wavelength.wavelength   0.98000 
_diffrn_radiation_wavelength.wt           1.0 
# 
_diffrn_source.diffrn_id                   1 
_diffrn_source.source                      SYNCHROTRON 
_diffrn_source.type                        'PHOTON FACTORY BEAMLINE BL-1A' 
_diffrn_source.pdbx_synchrotron_site       'Photon Factory' 
_diffrn_source.pdbx_synchrotron_beamline   BL-1A 
_diffrn_source.pdbx_wavelength             ? 
_diffrn_source.pdbx_wavelength_list        0.98000 
# 
_reflns.entry_id                     4OH8 
_reflns.observed_criterion_sigma_I   -3 
_reflns.observed_criterion_sigma_F   0 
_reflns.d_resolution_low             50 
_reflns.d_resolution_high            2.2 
_reflns.number_obs                   22807 
_reflns.number_all                   23288 
_reflns.percent_possible_obs         96.9 
_reflns.pdbx_Rmerge_I_obs            0.079 
_reflns.pdbx_Rsym_value              0.079 
_reflns.pdbx_netI_over_sigmaI        31.733 
_reflns.B_iso_Wilson_estimate        ? 
_reflns.pdbx_redundancy              4.0 
_reflns.R_free_details               ? 
_reflns.limit_h_max                  ? 
_reflns.limit_h_min                  ? 
_reflns.limit_k_max                  ? 
_reflns.limit_k_min                  ? 
_reflns.limit_l_max                  ? 
_reflns.limit_l_min                  ? 
_reflns.observed_criterion_F_max     ? 
_reflns.observed_criterion_F_min     ? 
_reflns.pdbx_chi_squared             ? 
_reflns.pdbx_scaling_rejects         ? 
_reflns.pdbx_ordinal                 1 
_reflns.pdbx_diffrn_id               1 
# 
_reflns_shell.d_res_high             2.2 
_reflns_shell.d_res_low              2.28 
_reflns_shell.percent_possible_all   85.8 
_reflns_shell.Rmerge_I_obs           0.206 
_reflns_shell.pdbx_Rsym_value        0.206 
_reflns_shell.meanI_over_sigI_obs    6.031 
_reflns_shell.pdbx_redundancy        2.6 
_reflns_shell.percent_possible_obs   ? 
_reflns_shell.number_unique_all      23288 
_reflns_shell.number_measured_all    ? 
_reflns_shell.number_measured_obs    ? 
_reflns_shell.number_unique_obs      ? 
_reflns_shell.pdbx_chi_squared       ? 
_reflns_shell.pdbx_ordinal           1 
_reflns_shell.pdbx_diffrn_id         1 
# 
_refine.entry_id                                 4OH8 
_refine.ls_number_reflns_obs                     5278 
_refine.ls_number_reflns_all                     ? 
_refine.pdbx_ls_sigma_I                          ? 
_refine.pdbx_ls_sigma_F                          1.38 
_refine.pdbx_data_cutoff_high_absF               ? 
_refine.pdbx_data_cutoff_low_absF                ? 
_refine.pdbx_data_cutoff_high_rms_absF           ? 
_refine.ls_d_res_low                             25.093 
_refine.ls_d_res_high                            2.281 
_refine.ls_percent_reflns_obs                    97.96 
_refine.ls_R_factor_obs                          0.2195 
_refine.ls_R_factor_all                          ? 
_refine.ls_R_factor_R_work                       0.2167 
_refine.ls_R_factor_R_free                       0.2778 
_refine.ls_R_factor_R_free_error                 ? 
_refine.ls_R_factor_R_free_error_details         ? 
_refine.ls_percent_reflns_R_free                 4.59 
_refine.ls_number_reflns_R_free                  242 
_refine.ls_number_parameters                     ? 
_refine.ls_number_restraints                     ? 
_refine.occupancy_min                            ? 
_refine.occupancy_max                            ? 
_refine.correlation_coeff_Fo_to_Fc               ? 
_refine.correlation_coeff_Fo_to_Fc_free          ? 
_refine.B_iso_mean                               ? 
_refine.aniso_B[1][1]                            ? 
_refine.aniso_B[2][2]                            ? 
_refine.aniso_B[3][3]                            ? 
_refine.aniso_B[1][2]                            ? 
_refine.aniso_B[1][3]                            ? 
_refine.aniso_B[2][3]                            ? 
_refine.solvent_model_details                    'FLAT BULK SOLVENT MODEL' 
_refine.solvent_model_param_ksol                 ? 
_refine.solvent_model_param_bsol                 ? 
_refine.pdbx_solvent_vdw_probe_radii             1.11 
_refine.pdbx_solvent_ion_probe_radii             ? 
_refine.pdbx_solvent_shrinkage_radii             0.90 
_refine.pdbx_ls_cross_valid_method               ? 
_refine.details                                  ? 
_refine.pdbx_starting_model                      ? 
_refine.pdbx_method_to_determine_struct          SAD 
_refine.pdbx_isotropic_thermal_model             ? 
_refine.pdbx_stereochemistry_target_values       ML 
_refine.pdbx_stereochem_target_val_spec_case     ? 
_refine.pdbx_R_Free_selection_details            RANDOM 
_refine.pdbx_overall_ESU_R                       ? 
_refine.pdbx_overall_ESU_R_Free                  ? 
_refine.overall_SU_ML                            0.30 
_refine.pdbx_overall_phase_error                 28.38 
_refine.overall_SU_B                             ? 
_refine.overall_SU_R_Cruickshank_DPI             ? 
_refine.ls_redundancy_reflns_obs                 ? 
_refine.B_iso_min                                ? 
_refine.B_iso_max                                ? 
_refine.overall_SU_R_free                        ? 
_refine.ls_wR_factor_R_free                      ? 
_refine.ls_wR_factor_R_work                      ? 
_refine.overall_FOM_free_R_set                   ? 
_refine.overall_FOM_work_R_set                   ? 
_refine.pdbx_diffrn_id                           1 
_refine.pdbx_refine_id                           'X-RAY DIFFRACTION' 
_refine.pdbx_TLS_residual_ADP_flag               ? 
_refine.pdbx_overall_SU_R_free_Cruickshank_DPI   ? 
_refine.pdbx_overall_SU_R_Blow_DPI               ? 
_refine.pdbx_overall_SU_R_free_Blow_DPI          ? 
# 
_refine_hist.pdbx_refine_id                   'X-RAY DIFFRACTION' 
_refine_hist.cycle_id                         LAST 
_refine_hist.pdbx_number_atoms_protein        762 
_refine_hist.pdbx_number_atoms_nucleic_acid   0 
_refine_hist.pdbx_number_atoms_ligand         0 
_refine_hist.number_atoms_solvent             22 
_refine_hist.number_atoms_total               784 
_refine_hist.d_res_high                       2.281 
_refine_hist.d_res_low                        25.093 
# 
loop_
_refine_ls_restr.type 
_refine_ls_restr.dev_ideal 
_refine_ls_restr.dev_ideal_target 
_refine_ls_restr.weight 
_refine_ls_restr.number 
_refine_ls_restr.pdbx_restraint_function 
_refine_ls_restr.pdbx_refine_id 
f_bond_d           0.008  ? ? 774  ? 'X-RAY DIFFRACTION' 
f_angle_d          1.122  ? ? 1037 ? 'X-RAY DIFFRACTION' 
f_dihedral_angle_d 16.270 ? ? 316  ? 'X-RAY DIFFRACTION' 
f_chiral_restr     0.079  ? ? 111  ? 'X-RAY DIFFRACTION' 
f_plane_restr      0.004  ? ? 136  ? 'X-RAY DIFFRACTION' 
# 
loop_
_refine_ls_shell.pdbx_total_number_of_bins_used 
_refine_ls_shell.d_res_high 
_refine_ls_shell.d_res_low 
_refine_ls_shell.number_reflns_R_work 
_refine_ls_shell.R_factor_R_work 
_refine_ls_shell.percent_reflns_obs 
_refine_ls_shell.R_factor_R_free 
_refine_ls_shell.R_factor_R_free_error 
_refine_ls_shell.percent_reflns_R_free 
_refine_ls_shell.number_reflns_R_free 
_refine_ls_shell.number_reflns_all 
_refine_ls_shell.R_factor_all 
_refine_ls_shell.number_reflns_obs 
_refine_ls_shell.redundancy_reflns_obs 
_refine_ls_shell.pdbx_refine_id 
. 2.2805 2.8726  2439 0.2139 97.00 0.3189 . . 116 . . . . 'X-RAY DIFFRACTION' 
. 2.8726 25.0946 2597 0.2177 99.00 0.2648 . . 126 . . . . 'X-RAY DIFFRACTION' 
# 
_struct.entry_id                  4OH8 
_struct.title                     'Crystal Structure of the human MST1-RASSF5 SARAH heterodimer' 
_struct.pdbx_model_details        ? 
_struct.pdbx_CASP_flag            ? 
_struct.pdbx_model_type_details   ? 
# 
_struct_keywords.entry_id        4OH8 
_struct_keywords.pdbx_keywords   transferase/Apoptosis 
_struct_keywords.text            'Coiled-coil, SARAH domain, homodimerization, heterodomerization, transferase-Apoptosis complex' 
# 
loop_
_struct_asym.id 
_struct_asym.pdbx_blank_PDB_chainid_flag 
_struct_asym.pdbx_modified 
_struct_asym.entity_id 
_struct_asym.details 
A N N 1 ? 
B N N 2 ? 
C N N 3 ? 
D N N 3 ? 
# 
loop_
_struct_ref.id 
_struct_ref.db_name 
_struct_ref.db_code 
_struct_ref.pdbx_db_accession 
_struct_ref.entity_id 
_struct_ref.pdbx_seq_one_letter_code 
_struct_ref.pdbx_align_begin 
_struct_ref.pdbx_db_isoform 
1 UNP STK4_HUMAN  Q13043 1 DYEFLKSWTVEDLQKRLLALDPMMEQEIEEIRQKYQSKRQPILDAIEAK     432 ? 
2 UNP RASF5_HUMAN Q8WWW0 2 EVEWDAFSIPELQNFLTILEKEEQDKIQQVQKKYDKFRQKLEEALRESQGKPG 366 ? 
# 
loop_
_struct_ref_seq.align_id 
_struct_ref_seq.ref_id 
_struct_ref_seq.pdbx_PDB_id_code 
_struct_ref_seq.pdbx_strand_id 
_struct_ref_seq.seq_align_beg 
_struct_ref_seq.pdbx_seq_align_beg_ins_code 
_struct_ref_seq.seq_align_end 
_struct_ref_seq.pdbx_seq_align_end_ins_code 
_struct_ref_seq.pdbx_db_accession 
_struct_ref_seq.db_align_beg 
_struct_ref_seq.pdbx_db_align_beg_ins_code 
_struct_ref_seq.db_align_end 
_struct_ref_seq.pdbx_db_align_end_ins_code 
_struct_ref_seq.pdbx_auth_seq_align_beg 
_struct_ref_seq.pdbx_auth_seq_align_end 
1 1 4OH8 A 3 ? 51 ? Q13043 432 ? 480 ? 3 51 
2 2 4OH8 B 3 ? 55 ? Q8WWW0 366 ? 418 ? 1 53 
# 
loop_
_struct_ref_seq_dif.align_id 
_struct_ref_seq_dif.pdbx_pdb_id_code 
_struct_ref_seq_dif.mon_id 
_struct_ref_seq_dif.pdbx_pdb_strand_id 
_struct_ref_seq_dif.seq_num 
_struct_ref_seq_dif.pdbx_pdb_ins_code 
_struct_ref_seq_dif.pdbx_seq_db_name 
_struct_ref_seq_dif.pdbx_seq_db_accession_code 
_struct_ref_seq_dif.db_mon_id 
_struct_ref_seq_dif.pdbx_seq_db_seq_num 
_struct_ref_seq_dif.details 
_struct_ref_seq_dif.pdbx_auth_seq_num 
_struct_ref_seq_dif.pdbx_ordinal 
1 4OH8 GLY A 1 ? UNP Q13043 ? ? 'expression tag' 1  1 
1 4OH8 SER A 2 ? UNP Q13043 ? ? 'expression tag' 2  2 
2 4OH8 GLY B 1 ? UNP Q8WWW0 ? ? 'expression tag' -1 3 
2 4OH8 SER B 2 ? UNP Q8WWW0 ? ? 'expression tag' 0  4 
# 
_pdbx_struct_assembly.id                   1 
_pdbx_struct_assembly.details              author_and_software_defined_assembly 
_pdbx_struct_assembly.method_details       PISA 
_pdbx_struct_assembly.oligomeric_details   dimeric 
_pdbx_struct_assembly.oligomeric_count     2 
# 
loop_
_pdbx_struct_assembly_prop.biol_id 
_pdbx_struct_assembly_prop.type 
_pdbx_struct_assembly_prop.value 
_pdbx_struct_assembly_prop.details 
1 'ABSA (A^2)' 2320 ? 
1 MORE         -20  ? 
1 'SSA (A^2)'  6850 ? 
# 
_pdbx_struct_assembly_gen.assembly_id       1 
_pdbx_struct_assembly_gen.oper_expression   1 
_pdbx_struct_assembly_gen.asym_id_list      A,B,C,D 
# 
_pdbx_struct_oper_list.id                   1 
_pdbx_struct_oper_list.type                 'identity operation' 
_pdbx_struct_oper_list.name                 1_555 
_pdbx_struct_oper_list.symmetry_operation   x,y,z 
_pdbx_struct_oper_list.matrix[1][1]         1.0000000000 
_pdbx_struct_oper_list.matrix[1][2]         0.0000000000 
_pdbx_struct_oper_list.matrix[1][3]         0.0000000000 
_pdbx_struct_oper_list.vector[1]            0.0000000000 
_pdbx_struct_oper_list.matrix[2][1]         0.0000000000 
_pdbx_struct_oper_list.matrix[2][2]         1.0000000000 
_pdbx_struct_oper_list.matrix[2][3]         0.0000000000 
_pdbx_struct_oper_list.vector[2]            0.0000000000 
_pdbx_struct_oper_list.matrix[3][1]         0.0000000000 
_pdbx_struct_oper_list.matrix[3][2]         0.0000000000 
_pdbx_struct_oper_list.matrix[3][3]         1.0000000000 
_pdbx_struct_oper_list.vector[3]            0.0000000000 
# 
_struct_biol.id        1 
_struct_biol.details   ? 
# 
loop_
_struct_conf.conf_type_id 
_struct_conf.id 
_struct_conf.pdbx_PDB_helix_id 
_struct_conf.beg_label_comp_id 
_struct_conf.beg_label_asym_id 
_struct_conf.beg_label_seq_id 
_struct_conf.pdbx_beg_PDB_ins_code 
_struct_conf.end_label_comp_id 
_struct_conf.end_label_asym_id 
_struct_conf.end_label_seq_id 
_struct_conf.pdbx_end_PDB_ins_code 
_struct_conf.beg_auth_comp_id 
_struct_conf.beg_auth_asym_id 
_struct_conf.beg_auth_seq_id 
_struct_conf.end_auth_comp_id 
_struct_conf.end_auth_asym_id 
_struct_conf.end_auth_seq_id 
_struct_conf.pdbx_PDB_helix_class 
_struct_conf.details 
_struct_conf.pdbx_PDB_helix_length 
HELX_P HELX_P1 1 SER A 9  ? LYS A 51 ? SER A 9 LYS A 51 1 ? 43 
HELX_P HELX_P2 2 GLU B 5  ? PHE B 9  ? GLU B 3 PHE B 7  5 ? 5  
HELX_P HELX_P3 3 SER B 10 ? GLU B 49 ? SER B 8 GLU B 47 1 ? 40 
# 
_struct_conf_type.id          HELX_P 
_struct_conf_type.criteria    ? 
_struct_conf_type.reference   ? 
# 
loop_
_pdbx_unobs_or_zero_occ_residues.id 
_pdbx_unobs_or_zero_occ_residues.PDB_model_num 
_pdbx_unobs_or_zero_occ_residues.polymer_flag 
_pdbx_unobs_or_zero_occ_residues.occupancy_flag 
_pdbx_unobs_or_zero_occ_residues.auth_asym_id 
_pdbx_unobs_or_zero_occ_residues.auth_comp_id 
_pdbx_unobs_or_zero_occ_residues.auth_seq_id 
_pdbx_unobs_or_zero_occ_residues.PDB_ins_code 
_pdbx_unobs_or_zero_occ_residues.label_asym_id 
_pdbx_unobs_or_zero_occ_residues.label_comp_id 
_pdbx_unobs_or_zero_occ_residues.label_seq_id 
1  1 Y 1 A GLY 1  ? A GLY 1  
2  1 Y 1 A SER 2  ? A SER 2  
3  1 Y 1 A ASP 3  ? A ASP 3  
4  1 Y 1 A TYR 4  ? A TYR 4  
5  1 Y 1 A GLU 5  ? A GLU 5  
6  1 Y 1 A PHE 6  ? A PHE 6  
7  1 Y 1 A LEU 7  ? A LEU 7  
8  1 Y 1 A LYS 8  ? A LYS 8  
9  1 Y 1 B GLY -1 ? B GLY 1  
10 1 Y 1 B SER 0  ? B SER 2  
11 1 Y 1 B GLU 1  ? B GLU 3  
12 1 Y 1 B SER 48 ? B SER 50 
13 1 Y 1 B GLN 49 ? B GLN 51 
14 1 Y 1 B GLY 50 ? B GLY 52 
15 1 Y 1 B LYS 51 ? B LYS 53 
16 1 Y 1 B PRO 52 ? B PRO 54 
17 1 Y 1 B GLY 53 ? B GLY 55 
# 
loop_
_chem_comp_atom.comp_id 
_chem_comp_atom.atom_id 
_chem_comp_atom.type_symbol 
_chem_comp_atom.pdbx_aromatic_flag 
_chem_comp_atom.pdbx_stereo_config 
_chem_comp_atom.pdbx_ordinal 
ALA N    N N N 1   
ALA CA   C N S 2   
ALA C    C N N 3   
ALA O    O N N 4   
ALA CB   C N N 5   
ALA OXT  O N N 6   
ALA H    H N N 7   
ALA H2   H N N 8   
ALA HA   H N N 9   
ALA HB1  H N N 10  
ALA HB2  H N N 11  
ALA HB3  H N N 12  
ALA HXT  H N N 13  
ARG N    N N N 14  
ARG CA   C N S 15  
ARG C    C N N 16  
ARG O    O N N 17  
ARG CB   C N N 18  
ARG CG   C N N 19  
ARG CD   C N N 20  
ARG NE   N N N 21  
ARG CZ   C N N 22  
ARG NH1  N N N 23  
ARG NH2  N N N 24  
ARG OXT  O N N 25  
ARG H    H N N 26  
ARG H2   H N N 27  
ARG HA   H N N 28  
ARG HB2  H N N 29  
ARG HB3  H N N 30  
ARG HG2  H N N 31  
ARG HG3  H N N 32  
ARG HD2  H N N 33  
ARG HD3  H N N 34  
ARG HE   H N N 35  
ARG HH11 H N N 36  
ARG HH12 H N N 37  
ARG HH21 H N N 38  
ARG HH22 H N N 39  
ARG HXT  H N N 40  
ASN N    N N N 41  
ASN CA   C N S 42  
ASN C    C N N 43  
ASN O    O N N 44  
ASN CB   C N N 45  
ASN CG   C N N 46  
ASN OD1  O N N 47  
ASN ND2  N N N 48  
ASN OXT  O N N 49  
ASN H    H N N 50  
ASN H2   H N N 51  
ASN HA   H N N 52  
ASN HB2  H N N 53  
ASN HB3  H N N 54  
ASN HD21 H N N 55  
ASN HD22 H N N 56  
ASN HXT  H N N 57  
ASP N    N N N 58  
ASP CA   C N S 59  
ASP C    C N N 60  
ASP O    O N N 61  
ASP CB   C N N 62  
ASP CG   C N N 63  
ASP OD1  O N N 64  
ASP OD2  O N N 65  
ASP OXT  O N N 66  
ASP H    H N N 67  
ASP H2   H N N 68  
ASP HA   H N N 69  
ASP HB2  H N N 70  
ASP HB3  H N N 71  
ASP HD2  H N N 72  
ASP HXT  H N N 73  
GLN N    N N N 74  
GLN CA   C N S 75  
GLN C    C N N 76  
GLN O    O N N 77  
GLN CB   C N N 78  
GLN CG   C N N 79  
GLN CD   C N N 80  
GLN OE1  O N N 81  
GLN NE2  N N N 82  
GLN OXT  O N N 83  
GLN H    H N N 84  
GLN H2   H N N 85  
GLN HA   H N N 86  
GLN HB2  H N N 87  
GLN HB3  H N N 88  
GLN HG2  H N N 89  
GLN HG3  H N N 90  
GLN HE21 H N N 91  
GLN HE22 H N N 92  
GLN HXT  H N N 93  
GLU N    N N N 94  
GLU CA   C N S 95  
GLU C    C N N 96  
GLU O    O N N 97  
GLU CB   C N N 98  
GLU CG   C N N 99  
GLU CD   C N N 100 
GLU OE1  O N N 101 
GLU OE2  O N N 102 
GLU OXT  O N N 103 
GLU H    H N N 104 
GLU H2   H N N 105 
GLU HA   H N N 106 
GLU HB2  H N N 107 
GLU HB3  H N N 108 
GLU HG2  H N N 109 
GLU HG3  H N N 110 
GLU HE2  H N N 111 
GLU HXT  H N N 112 
GLY N    N N N 113 
GLY CA   C N N 114 
GLY C    C N N 115 
GLY O    O N N 116 
GLY OXT  O N N 117 
GLY H    H N N 118 
GLY H2   H N N 119 
GLY HA2  H N N 120 
GLY HA3  H N N 121 
GLY HXT  H N N 122 
HOH O    O N N 123 
HOH H1   H N N 124 
HOH H2   H N N 125 
ILE N    N N N 126 
ILE CA   C N S 127 
ILE C    C N N 128 
ILE O    O N N 129 
ILE CB   C N S 130 
ILE CG1  C N N 131 
ILE CG2  C N N 132 
ILE CD1  C N N 133 
ILE OXT  O N N 134 
ILE H    H N N 135 
ILE H2   H N N 136 
ILE HA   H N N 137 
ILE HB   H N N 138 
ILE HG12 H N N 139 
ILE HG13 H N N 140 
ILE HG21 H N N 141 
ILE HG22 H N N 142 
ILE HG23 H N N 143 
ILE HD11 H N N 144 
ILE HD12 H N N 145 
ILE HD13 H N N 146 
ILE HXT  H N N 147 
LEU N    N N N 148 
LEU CA   C N S 149 
LEU C    C N N 150 
LEU O    O N N 151 
LEU CB   C N N 152 
LEU CG   C N N 153 
LEU CD1  C N N 154 
LEU CD2  C N N 155 
LEU OXT  O N N 156 
LEU H    H N N 157 
LEU H2   H N N 158 
LEU HA   H N N 159 
LEU HB2  H N N 160 
LEU HB3  H N N 161 
LEU HG   H N N 162 
LEU HD11 H N N 163 
LEU HD12 H N N 164 
LEU HD13 H N N 165 
LEU HD21 H N N 166 
LEU HD22 H N N 167 
LEU HD23 H N N 168 
LEU HXT  H N N 169 
LYS N    N N N 170 
LYS CA   C N S 171 
LYS C    C N N 172 
LYS O    O N N 173 
LYS CB   C N N 174 
LYS CG   C N N 175 
LYS CD   C N N 176 
LYS CE   C N N 177 
LYS NZ   N N N 178 
LYS OXT  O N N 179 
LYS H    H N N 180 
LYS H2   H N N 181 
LYS HA   H N N 182 
LYS HB2  H N N 183 
LYS HB3  H N N 184 
LYS HG2  H N N 185 
LYS HG3  H N N 186 
LYS HD2  H N N 187 
LYS HD3  H N N 188 
LYS HE2  H N N 189 
LYS HE3  H N N 190 
LYS HZ1  H N N 191 
LYS HZ2  H N N 192 
LYS HZ3  H N N 193 
LYS HXT  H N N 194 
MET N    N N N 195 
MET CA   C N S 196 
MET C    C N N 197 
MET O    O N N 198 
MET CB   C N N 199 
MET CG   C N N 200 
MET SD   S N N 201 
MET CE   C N N 202 
MET OXT  O N N 203 
MET H    H N N 204 
MET H2   H N N 205 
MET HA   H N N 206 
MET HB2  H N N 207 
MET HB3  H N N 208 
MET HG2  H N N 209 
MET HG3  H N N 210 
MET HE1  H N N 211 
MET HE2  H N N 212 
MET HE3  H N N 213 
MET HXT  H N N 214 
PHE N    N N N 215 
PHE CA   C N S 216 
PHE C    C N N 217 
PHE O    O N N 218 
PHE CB   C N N 219 
PHE CG   C Y N 220 
PHE CD1  C Y N 221 
PHE CD2  C Y N 222 
PHE CE1  C Y N 223 
PHE CE2  C Y N 224 
PHE CZ   C Y N 225 
PHE OXT  O N N 226 
PHE H    H N N 227 
PHE H2   H N N 228 
PHE HA   H N N 229 
PHE HB2  H N N 230 
PHE HB3  H N N 231 
PHE HD1  H N N 232 
PHE HD2  H N N 233 
PHE HE1  H N N 234 
PHE HE2  H N N 235 
PHE HZ   H N N 236 
PHE HXT  H N N 237 
PRO N    N N N 238 
PRO CA   C N S 239 
PRO C    C N N 240 
PRO O    O N N 241 
PRO CB   C N N 242 
PRO CG   C N N 243 
PRO CD   C N N 244 
PRO OXT  O N N 245 
PRO H    H N N 246 
PRO HA   H N N 247 
PRO HB2  H N N 248 
PRO HB3  H N N 249 
PRO HG2  H N N 250 
PRO HG3  H N N 251 
PRO HD2  H N N 252 
PRO HD3  H N N 253 
PRO HXT  H N N 254 
SER N    N N N 255 
SER CA   C N S 256 
SER C    C N N 257 
SER O    O N N 258 
SER CB   C N N 259 
SER OG   O N N 260 
SER OXT  O N N 261 
SER H    H N N 262 
SER H2   H N N 263 
SER HA   H N N 264 
SER HB2  H N N 265 
SER HB3  H N N 266 
SER HG   H N N 267 
SER HXT  H N N 268 
THR N    N N N 269 
THR CA   C N S 270 
THR C    C N N 271 
THR O    O N N 272 
THR CB   C N R 273 
THR OG1  O N N 274 
THR CG2  C N N 275 
THR OXT  O N N 276 
THR H    H N N 277 
THR H2   H N N 278 
THR HA   H N N 279 
THR HB   H N N 280 
THR HG1  H N N 281 
THR HG21 H N N 282 
THR HG22 H N N 283 
THR HG23 H N N 284 
THR HXT  H N N 285 
TRP N    N N N 286 
TRP CA   C N S 287 
TRP C    C N N 288 
TRP O    O N N 289 
TRP CB   C N N 290 
TRP CG   C Y N 291 
TRP CD1  C Y N 292 
TRP CD2  C Y N 293 
TRP NE1  N Y N 294 
TRP CE2  C Y N 295 
TRP CE3  C Y N 296 
TRP CZ2  C Y N 297 
TRP CZ3  C Y N 298 
TRP CH2  C Y N 299 
TRP OXT  O N N 300 
TRP H    H N N 301 
TRP H2   H N N 302 
TRP HA   H N N 303 
TRP HB2  H N N 304 
TRP HB3  H N N 305 
TRP HD1  H N N 306 
TRP HE1  H N N 307 
TRP HE3  H N N 308 
TRP HZ2  H N N 309 
TRP HZ3  H N N 310 
TRP HH2  H N N 311 
TRP HXT  H N N 312 
TYR N    N N N 313 
TYR CA   C N S 314 
TYR C    C N N 315 
TYR O    O N N 316 
TYR CB   C N N 317 
TYR CG   C Y N 318 
TYR CD1  C Y N 319 
TYR CD2  C Y N 320 
TYR CE1  C Y N 321 
TYR CE2  C Y N 322 
TYR CZ   C Y N 323 
TYR OH   O N N 324 
TYR OXT  O N N 325 
TYR H    H N N 326 
TYR H2   H N N 327 
TYR HA   H N N 328 
TYR HB2  H N N 329 
TYR HB3  H N N 330 
TYR HD1  H N N 331 
TYR HD2  H N N 332 
TYR HE1  H N N 333 
TYR HE2  H N N 334 
TYR HH   H N N 335 
TYR HXT  H N N 336 
VAL N    N N N 337 
VAL CA   C N S 338 
VAL C    C N N 339 
VAL O    O N N 340 
VAL CB   C N N 341 
VAL CG1  C N N 342 
VAL CG2  C N N 343 
VAL OXT  O N N 344 
VAL H    H N N 345 
VAL H2   H N N 346 
VAL HA   H N N 347 
VAL HB   H N N 348 
VAL HG11 H N N 349 
VAL HG12 H N N 350 
VAL HG13 H N N 351 
VAL HG21 H N N 352 
VAL HG22 H N N 353 
VAL HG23 H N N 354 
VAL HXT  H N N 355 
# 
loop_
_chem_comp_bond.comp_id 
_chem_comp_bond.atom_id_1 
_chem_comp_bond.atom_id_2 
_chem_comp_bond.value_order 
_chem_comp_bond.pdbx_aromatic_flag 
_chem_comp_bond.pdbx_stereo_config 
_chem_comp_bond.pdbx_ordinal 
ALA N   CA   sing N N 1   
ALA N   H    sing N N 2   
ALA N   H2   sing N N 3   
ALA CA  C    sing N N 4   
ALA CA  CB   sing N N 5   
ALA CA  HA   sing N N 6   
ALA C   O    doub N N 7   
ALA C   OXT  sing N N 8   
ALA CB  HB1  sing N N 9   
ALA CB  HB2  sing N N 10  
ALA CB  HB3  sing N N 11  
ALA OXT HXT  sing N N 12  
ARG N   CA   sing N N 13  
ARG N   H    sing N N 14  
ARG N   H2   sing N N 15  
ARG CA  C    sing N N 16  
ARG CA  CB   sing N N 17  
ARG CA  HA   sing N N 18  
ARG C   O    doub N N 19  
ARG C   OXT  sing N N 20  
ARG CB  CG   sing N N 21  
ARG CB  HB2  sing N N 22  
ARG CB  HB3  sing N N 23  
ARG CG  CD   sing N N 24  
ARG CG  HG2  sing N N 25  
ARG CG  HG3  sing N N 26  
ARG CD  NE   sing N N 27  
ARG CD  HD2  sing N N 28  
ARG CD  HD3  sing N N 29  
ARG NE  CZ   sing N N 30  
ARG NE  HE   sing N N 31  
ARG CZ  NH1  sing N N 32  
ARG CZ  NH2  doub N N 33  
ARG NH1 HH11 sing N N 34  
ARG NH1 HH12 sing N N 35  
ARG NH2 HH21 sing N N 36  
ARG NH2 HH22 sing N N 37  
ARG OXT HXT  sing N N 38  
ASN N   CA   sing N N 39  
ASN N   H    sing N N 40  
ASN N   H2   sing N N 41  
ASN CA  C    sing N N 42  
ASN CA  CB   sing N N 43  
ASN CA  HA   sing N N 44  
ASN C   O    doub N N 45  
ASN C   OXT  sing N N 46  
ASN CB  CG   sing N N 47  
ASN CB  HB2  sing N N 48  
ASN CB  HB3  sing N N 49  
ASN CG  OD1  doub N N 50  
ASN CG  ND2  sing N N 51  
ASN ND2 HD21 sing N N 52  
ASN ND2 HD22 sing N N 53  
ASN OXT HXT  sing N N 54  
ASP N   CA   sing N N 55  
ASP N   H    sing N N 56  
ASP N   H2   sing N N 57  
ASP CA  C    sing N N 58  
ASP CA  CB   sing N N 59  
ASP CA  HA   sing N N 60  
ASP C   O    doub N N 61  
ASP C   OXT  sing N N 62  
ASP CB  CG   sing N N 63  
ASP CB  HB2  sing N N 64  
ASP CB  HB3  sing N N 65  
ASP CG  OD1  doub N N 66  
ASP CG  OD2  sing N N 67  
ASP OD2 HD2  sing N N 68  
ASP OXT HXT  sing N N 69  
GLN N   CA   sing N N 70  
GLN N   H    sing N N 71  
GLN N   H2   sing N N 72  
GLN CA  C    sing N N 73  
GLN CA  CB   sing N N 74  
GLN CA  HA   sing N N 75  
GLN C   O    doub N N 76  
GLN C   OXT  sing N N 77  
GLN CB  CG   sing N N 78  
GLN CB  HB2  sing N N 79  
GLN CB  HB3  sing N N 80  
GLN CG  CD   sing N N 81  
GLN CG  HG2  sing N N 82  
GLN CG  HG3  sing N N 83  
GLN CD  OE1  doub N N 84  
GLN CD  NE2  sing N N 85  
GLN NE2 HE21 sing N N 86  
GLN NE2 HE22 sing N N 87  
GLN OXT HXT  sing N N 88  
GLU N   CA   sing N N 89  
GLU N   H    sing N N 90  
GLU N   H2   sing N N 91  
GLU CA  C    sing N N 92  
GLU CA  CB   sing N N 93  
GLU CA  HA   sing N N 94  
GLU C   O    doub N N 95  
GLU C   OXT  sing N N 96  
GLU CB  CG   sing N N 97  
GLU CB  HB2  sing N N 98  
GLU CB  HB3  sing N N 99  
GLU CG  CD   sing N N 100 
GLU CG  HG2  sing N N 101 
GLU CG  HG3  sing N N 102 
GLU CD  OE1  doub N N 103 
GLU CD  OE2  sing N N 104 
GLU OE2 HE2  sing N N 105 
GLU OXT HXT  sing N N 106 
GLY N   CA   sing N N 107 
GLY N   H    sing N N 108 
GLY N   H2   sing N N 109 
GLY CA  C    sing N N 110 
GLY CA  HA2  sing N N 111 
GLY CA  HA3  sing N N 112 
GLY C   O    doub N N 113 
GLY C   OXT  sing N N 114 
GLY OXT HXT  sing N N 115 
HOH O   H1   sing N N 116 
HOH O   H2   sing N N 117 
ILE N   CA   sing N N 118 
ILE N   H    sing N N 119 
ILE N   H2   sing N N 120 
ILE CA  C    sing N N 121 
ILE CA  CB   sing N N 122 
ILE CA  HA   sing N N 123 
ILE C   O    doub N N 124 
ILE C   OXT  sing N N 125 
ILE CB  CG1  sing N N 126 
ILE CB  CG2  sing N N 127 
ILE CB  HB   sing N N 128 
ILE CG1 CD1  sing N N 129 
ILE CG1 HG12 sing N N 130 
ILE CG1 HG13 sing N N 131 
ILE CG2 HG21 sing N N 132 
ILE CG2 HG22 sing N N 133 
ILE CG2 HG23 sing N N 134 
ILE CD1 HD11 sing N N 135 
ILE CD1 HD12 sing N N 136 
ILE CD1 HD13 sing N N 137 
ILE OXT HXT  sing N N 138 
LEU N   CA   sing N N 139 
LEU N   H    sing N N 140 
LEU N   H2   sing N N 141 
LEU CA  C    sing N N 142 
LEU CA  CB   sing N N 143 
LEU CA  HA   sing N N 144 
LEU C   O    doub N N 145 
LEU C   OXT  sing N N 146 
LEU CB  CG   sing N N 147 
LEU CB  HB2  sing N N 148 
LEU CB  HB3  sing N N 149 
LEU CG  CD1  sing N N 150 
LEU CG  CD2  sing N N 151 
LEU CG  HG   sing N N 152 
LEU CD1 HD11 sing N N 153 
LEU CD1 HD12 sing N N 154 
LEU CD1 HD13 sing N N 155 
LEU CD2 HD21 sing N N 156 
LEU CD2 HD22 sing N N 157 
LEU CD2 HD23 sing N N 158 
LEU OXT HXT  sing N N 159 
LYS N   CA   sing N N 160 
LYS N   H    sing N N 161 
LYS N   H2   sing N N 162 
LYS CA  C    sing N N 163 
LYS CA  CB   sing N N 164 
LYS CA  HA   sing N N 165 
LYS C   O    doub N N 166 
LYS C   OXT  sing N N 167 
LYS CB  CG   sing N N 168 
LYS CB  HB2  sing N N 169 
LYS CB  HB3  sing N N 170 
LYS CG  CD   sing N N 171 
LYS CG  HG2  sing N N 172 
LYS CG  HG3  sing N N 173 
LYS CD  CE   sing N N 174 
LYS CD  HD2  sing N N 175 
LYS CD  HD3  sing N N 176 
LYS CE  NZ   sing N N 177 
LYS CE  HE2  sing N N 178 
LYS CE  HE3  sing N N 179 
LYS NZ  HZ1  sing N N 180 
LYS NZ  HZ2  sing N N 181 
LYS NZ  HZ3  sing N N 182 
LYS OXT HXT  sing N N 183 
MET N   CA   sing N N 184 
MET N   H    sing N N 185 
MET N   H2   sing N N 186 
MET CA  C    sing N N 187 
MET CA  CB   sing N N 188 
MET CA  HA   sing N N 189 
MET C   O    doub N N 190 
MET C   OXT  sing N N 191 
MET CB  CG   sing N N 192 
MET CB  HB2  sing N N 193 
MET CB  HB3  sing N N 194 
MET CG  SD   sing N N 195 
MET CG  HG2  sing N N 196 
MET CG  HG3  sing N N 197 
MET SD  CE   sing N N 198 
MET CE  HE1  sing N N 199 
MET CE  HE2  sing N N 200 
MET CE  HE3  sing N N 201 
MET OXT HXT  sing N N 202 
PHE N   CA   sing N N 203 
PHE N   H    sing N N 204 
PHE N   H2   sing N N 205 
PHE CA  C    sing N N 206 
PHE CA  CB   sing N N 207 
PHE CA  HA   sing N N 208 
PHE C   O    doub N N 209 
PHE C   OXT  sing N N 210 
PHE CB  CG   sing N N 211 
PHE CB  HB2  sing N N 212 
PHE CB  HB3  sing N N 213 
PHE CG  CD1  doub Y N 214 
PHE CG  CD2  sing Y N 215 
PHE CD1 CE1  sing Y N 216 
PHE CD1 HD1  sing N N 217 
PHE CD2 CE2  doub Y N 218 
PHE CD2 HD2  sing N N 219 
PHE CE1 CZ   doub Y N 220 
PHE CE1 HE1  sing N N 221 
PHE CE2 CZ   sing Y N 222 
PHE CE2 HE2  sing N N 223 
PHE CZ  HZ   sing N N 224 
PHE OXT HXT  sing N N 225 
PRO N   CA   sing N N 226 
PRO N   CD   sing N N 227 
PRO N   H    sing N N 228 
PRO CA  C    sing N N 229 
PRO CA  CB   sing N N 230 
PRO CA  HA   sing N N 231 
PRO C   O    doub N N 232 
PRO C   OXT  sing N N 233 
PRO CB  CG   sing N N 234 
PRO CB  HB2  sing N N 235 
PRO CB  HB3  sing N N 236 
PRO CG  CD   sing N N 237 
PRO CG  HG2  sing N N 238 
PRO CG  HG3  sing N N 239 
PRO CD  HD2  sing N N 240 
PRO CD  HD3  sing N N 241 
PRO OXT HXT  sing N N 242 
SER N   CA   sing N N 243 
SER N   H    sing N N 244 
SER N   H2   sing N N 245 
SER CA  C    sing N N 246 
SER CA  CB   sing N N 247 
SER CA  HA   sing N N 248 
SER C   O    doub N N 249 
SER C   OXT  sing N N 250 
SER CB  OG   sing N N 251 
SER CB  HB2  sing N N 252 
SER CB  HB3  sing N N 253 
SER OG  HG   sing N N 254 
SER OXT HXT  sing N N 255 
THR N   CA   sing N N 256 
THR N   H    sing N N 257 
THR N   H2   sing N N 258 
THR CA  C    sing N N 259 
THR CA  CB   sing N N 260 
THR CA  HA   sing N N 261 
THR C   O    doub N N 262 
THR C   OXT  sing N N 263 
THR CB  OG1  sing N N 264 
THR CB  CG2  sing N N 265 
THR CB  HB   sing N N 266 
THR OG1 HG1  sing N N 267 
THR CG2 HG21 sing N N 268 
THR CG2 HG22 sing N N 269 
THR CG2 HG23 sing N N 270 
THR OXT HXT  sing N N 271 
TRP N   CA   sing N N 272 
TRP N   H    sing N N 273 
TRP N   H2   sing N N 274 
TRP CA  C    sing N N 275 
TRP CA  CB   sing N N 276 
TRP CA  HA   sing N N 277 
TRP C   O    doub N N 278 
TRP C   OXT  sing N N 279 
TRP CB  CG   sing N N 280 
TRP CB  HB2  sing N N 281 
TRP CB  HB3  sing N N 282 
TRP CG  CD1  doub Y N 283 
TRP CG  CD2  sing Y N 284 
TRP CD1 NE1  sing Y N 285 
TRP CD1 HD1  sing N N 286 
TRP CD2 CE2  doub Y N 287 
TRP CD2 CE3  sing Y N 288 
TRP NE1 CE2  sing Y N 289 
TRP NE1 HE1  sing N N 290 
TRP CE2 CZ2  sing Y N 291 
TRP CE3 CZ3  doub Y N 292 
TRP CE3 HE3  sing N N 293 
TRP CZ2 CH2  doub Y N 294 
TRP CZ2 HZ2  sing N N 295 
TRP CZ3 CH2  sing Y N 296 
TRP CZ3 HZ3  sing N N 297 
TRP CH2 HH2  sing N N 298 
TRP OXT HXT  sing N N 299 
TYR N   CA   sing N N 300 
TYR N   H    sing N N 301 
TYR N   H2   sing N N 302 
TYR CA  C    sing N N 303 
TYR CA  CB   sing N N 304 
TYR CA  HA   sing N N 305 
TYR C   O    doub N N 306 
TYR C   OXT  sing N N 307 
TYR CB  CG   sing N N 308 
TYR CB  HB2  sing N N 309 
TYR CB  HB3  sing N N 310 
TYR CG  CD1  doub Y N 311 
TYR CG  CD2  sing Y N 312 
TYR CD1 CE1  sing Y N 313 
TYR CD1 HD1  sing N N 314 
TYR CD2 CE2  doub Y N 315 
TYR CD2 HD2  sing N N 316 
TYR CE1 CZ   doub Y N 317 
TYR CE1 HE1  sing N N 318 
TYR CE2 CZ   sing Y N 319 
TYR CE2 HE2  sing N N 320 
TYR CZ  OH   sing N N 321 
TYR OH  HH   sing N N 322 
TYR OXT HXT  sing N N 323 
VAL N   CA   sing N N 324 
VAL N   H    sing N N 325 
VAL N   H2   sing N N 326 
VAL CA  C    sing N N 327 
VAL CA  CB   sing N N 328 
VAL CA  HA   sing N N 329 
VAL C   O    doub N N 330 
VAL C   OXT  sing N N 331 
VAL CB  CG1  sing N N 332 
VAL CB  CG2  sing N N 333 
VAL CB  HB   sing N N 334 
VAL CG1 HG11 sing N N 335 
VAL CG1 HG12 sing N N 336 
VAL CG1 HG13 sing N N 337 
VAL CG2 HG21 sing N N 338 
VAL CG2 HG22 sing N N 339 
VAL CG2 HG23 sing N N 340 
VAL OXT HXT  sing N N 341 
# 
_atom_sites.entry_id                    4OH8 
_atom_sites.fract_transf_matrix[1][1]   -0.00449533 
_atom_sites.fract_transf_matrix[1][2]   0.03517902 
_atom_sites.fract_transf_matrix[1][3]   -0.00481914 
_atom_sites.fract_transf_matrix[2][1]   -0.00818768 
_atom_sites.fract_transf_matrix[2][2]   0.00008899 
_atom_sites.fract_transf_matrix[2][3]   0.00828713 
_atom_sites.fract_transf_matrix[3][1]   0.00754613 
_atom_sites.fract_transf_matrix[3][2]   0.00198269 
_atom_sites.fract_transf_matrix[3][3]   0.00743429 
_atom_sites.fract_transf_vector[1]      -0.479305 
_atom_sites.fract_transf_vector[2]      0.179944 
_atom_sites.fract_transf_vector[3]      0.030641 
# 
loop_
_atom_type.symbol 
C 
N 
O 
S 
# 
loop_
_atom_site.group_PDB 
_atom_site.id 
_atom_site.type_symbol 
_atom_site.label_atom_id 
_atom_site.label_alt_id 
_atom_site.label_comp_id 
_atom_site.label_asym_id 
_atom_site.label_entity_id 
_atom_site.label_seq_id 
_atom_site.pdbx_PDB_ins_code 
_atom_site.Cartn_x 
_atom_site.Cartn_y 
_atom_site.Cartn_z 
_atom_site.occupancy 
_atom_site.B_iso_or_equiv 
_atom_site.pdbx_formal_charge 
_atom_site.auth_seq_id 
_atom_site.auth_comp_id 
_atom_site.auth_asym_id 
_atom_site.auth_atom_id 
_atom_site.pdbx_PDB_model_num 
ATOM   1   N N   . SER A 1 9  ? 2.842   2.635   -35.095 1.00 38.84 ? 9   SER A N   1 
ATOM   2   C CA  . SER A 1 9  ? 3.740   3.568   -34.416 1.00 37.68 ? 9   SER A CA  1 
ATOM   3   C C   . SER A 1 9  ? 3.038   4.272   -33.259 1.00 42.16 ? 9   SER A C   1 
ATOM   4   O O   . SER A 1 9  ? 3.666   4.664   -32.275 1.00 41.17 ? 9   SER A O   1 
ATOM   5   C CB  . SER A 1 9  ? 4.264   4.610   -35.400 1.00 41.14 ? 9   SER A CB  1 
ATOM   6   O OG  . SER A 1 9  ? 5.034   5.590   -34.728 1.00 40.87 ? 9   SER A OG  1 
ATOM   7   N N   . TRP A 1 10 ? 1.731   4.448   -33.405 1.00 43.83 ? 10  TRP A N   1 
ATOM   8   C CA  . TRP A 1 10 ? 0.882   4.979   -32.349 1.00 44.42 ? 10  TRP A CA  1 
ATOM   9   C C   . TRP A 1 10 ? 0.986   4.042   -31.165 1.00 38.27 ? 10  TRP A C   1 
ATOM   10  O O   . TRP A 1 10 ? 1.061   4.481   -30.020 1.00 36.98 ? 10  TRP A O   1 
ATOM   11  C CB  . TRP A 1 10 ? -0.568  5.035   -32.848 1.00 48.71 ? 10  TRP A CB  1 
ATOM   12  C CG  . TRP A 1 10 ? -1.640  5.321   -31.820 1.00 54.13 ? 10  TRP A CG  1 
ATOM   13  C CD1 . TRP A 1 10 ? -1.915  4.604   -30.687 1.00 55.74 ? 10  TRP A CD1 1 
ATOM   14  C CD2 . TRP A 1 10 ? -2.625  6.367   -31.878 1.00 64.93 ? 10  TRP A CD2 1 
ATOM   15  N NE1 . TRP A 1 10 ? -2.982  5.161   -30.019 1.00 67.20 ? 10  TRP A NE1 1 
ATOM   16  C CE2 . TRP A 1 10 ? -3.439  6.237   -30.730 1.00 65.58 ? 10  TRP A CE2 1 
ATOM   17  C CE3 . TRP A 1 10 ? -2.888  7.404   -32.781 1.00 64.13 ? 10  TRP A CE3 1 
ATOM   18  C CZ2 . TRP A 1 10 ? -4.497  7.109   -30.462 1.00 57.52 ? 10  TRP A CZ2 1 
ATOM   19  C CZ3 . TRP A 1 10 ? -3.941  8.268   -32.511 1.00 67.99 ? 10  TRP A CZ3 1 
ATOM   20  C CH2 . TRP A 1 10 ? -4.730  8.114   -31.360 1.00 58.13 ? 10  TRP A CH2 1 
ATOM   21  N N   . THR A 1 11 ? 0.978   2.745   -31.461 1.00 35.83 ? 11  THR A N   1 
ATOM   22  C CA  . THR A 1 11 ? 1.015   1.702   -30.445 1.00 34.56 ? 11  THR A CA  1 
ATOM   23  C C   . THR A 1 11 ? 2.228   1.810   -29.518 1.00 29.30 ? 11  THR A C   1 
ATOM   24  O O   . THR A 1 11 ? 2.061   1.848   -28.302 1.00 29.61 ? 11  THR A O   1 
ATOM   25  C CB  . THR A 1 11 ? 0.945   0.299   -31.086 1.00 36.18 ? 11  THR A CB  1 
ATOM   26  O OG1 . THR A 1 11 ? -0.401  0.034   -31.505 1.00 49.54 ? 11  THR A OG1 1 
ATOM   27  C CG2 . THR A 1 11 ? 1.372   -0.771  -30.100 1.00 27.46 ? 11  THR A CG2 1 
ATOM   28  N N   . VAL A 1 12 ? 3.433   1.879   -30.081 1.00 28.06 ? 12  VAL A N   1 
ATOM   29  C CA  . VAL A 1 12 ? 4.647   1.981   -29.263 1.00 31.34 ? 12  VAL A CA  1 
ATOM   30  C C   . VAL A 1 12 ? 4.623   3.184   -28.316 1.00 28.56 ? 12  VAL A C   1 
ATOM   31  O O   . VAL A 1 12 ? 5.035   3.078   -27.159 1.00 22.58 ? 12  VAL A O   1 
ATOM   32  C CB  . VAL A 1 12 ? 5.938   2.002   -30.121 1.00 28.65 ? 12  VAL A CB  1 
ATOM   33  C CG1 . VAL A 1 12 ? 7.165   2.355   -29.262 1.00 25.25 ? 12  VAL A CG1 1 
ATOM   34  C CG2 . VAL A 1 12 ? 6.137   0.668   -30.794 1.00 28.53 ? 12  VAL A CG2 1 
ATOM   35  N N   . GLU A 1 13 ? 4.122   4.314   -28.809 1.00 26.16 ? 13  GLU A N   1 
ATOM   36  C CA  . GLU A 1 13 ? 4.004   5.513   -27.989 1.00 33.19 ? 13  GLU A CA  1 
ATOM   37  C C   . GLU A 1 13 ? 3.006   5.296   -26.857 1.00 25.76 ? 13  GLU A C   1 
ATOM   38  O O   . GLU A 1 13 ? 3.269   5.642   -25.705 1.00 21.79 ? 13  GLU A O   1 
ATOM   39  C CB  . GLU A 1 13 ? 3.582   6.716   -28.831 1.00 30.85 ? 13  GLU A CB  1 
ATOM   40  C CG  . GLU A 1 13 ? 3.654   8.034   -28.079 1.00 38.32 ? 13  GLU A CG  1 
ATOM   41  C CD  . GLU A 1 13 ? 3.265   9.232   -28.932 1.00 57.53 ? 13  GLU A CD  1 
ATOM   42  O OE1 . GLU A 1 13 ? 2.492   9.053   -29.899 1.00 62.61 ? 13  GLU A OE1 1 
ATOM   43  O OE2 . GLU A 1 13 ? 3.735   10.355  -28.631 1.00 59.93 ? 13  GLU A OE2 1 
ATOM   44  N N   . ASP A 1 14 ? 1.869   4.703   -27.200 1.00 23.67 ? 14  ASP A N   1 
ATOM   45  C CA  . ASP A 1 14 ? 0.813   4.440   -26.237 1.00 28.03 ? 14  ASP A CA  1 
ATOM   46  C C   . ASP A 1 14 ? 1.260   3.428   -25.177 1.00 24.83 ? 14  ASP A C   1 
ATOM   47  O O   . ASP A 1 14 ? 0.996   3.594   -23.981 1.00 15.70 ? 14  ASP A O   1 
ATOM   48  C CB  . ASP A 1 14 ? -0.412  3.909   -26.965 1.00 24.21 ? 14  ASP A CB  1 
ATOM   49  C CG  . ASP A 1 14 ? -1.649  3.903   -26.091 1.00 36.76 ? 14  ASP A CG  1 
ATOM   50  O OD1 . ASP A 1 14 ? -2.443  4.863   -26.205 1.00 39.15 ? 14  ASP A OD1 1 
ATOM   51  O OD2 . ASP A 1 14 ? -1.822  2.950   -25.294 1.00 26.50 ? 14  ASP A OD2 1 
ATOM   52  N N   . LEU A 1 15 ? 1.918   2.367   -25.635 1.00 20.78 ? 15  LEU A N   1 
ATOM   53  C CA  . LEU A 1 15 ? 2.509   1.397   -24.739 1.00 18.70 ? 15  LEU A CA  1 
ATOM   54  C C   . LEU A 1 15 ? 3.532   2.096   -23.865 1.00 17.15 ? 15  LEU A C   1 
ATOM   55  O O   . LEU A 1 15 ? 3.532   1.935   -22.649 1.00 14.95 ? 15  LEU A O   1 
ATOM   56  C CB  . LEU A 1 15 ? 3.163   0.277   -25.536 1.00 26.19 ? 15  LEU A CB  1 
ATOM   57  C CG  . LEU A 1 15 ? 2.167   -0.600  -26.293 1.00 20.90 ? 15  LEU A CG  1 
ATOM   58  C CD1 . LEU A 1 15 ? 2.887   -1.737  -26.972 1.00 26.91 ? 15  LEU A CD1 1 
ATOM   59  C CD2 . LEU A 1 15 ? 1.119   -1.119  -25.351 1.00 14.94 ? 15  LEU A CD2 1 
ATOM   60  N N   . GLN A 1 16 ? 4.381   2.905   -24.483 1.00 17.76 ? 16  GLN A N   1 
ATOM   61  C CA  . GLN A 1 16 ? 5.373   3.650   -23.728 1.00 21.81 ? 16  GLN A CA  1 
ATOM   62  C C   . GLN A 1 16 ? 4.716   4.560   -22.705 1.00 18.54 ? 16  GLN A C   1 
ATOM   63  O O   . GLN A 1 16 ? 5.240   4.725   -21.602 1.00 11.80 ? 16  GLN A O   1 
ATOM   64  C CB  . GLN A 1 16 ? 6.300   4.452   -24.643 1.00 19.34 ? 16  GLN A CB  1 
ATOM   65  C CG  . GLN A 1 16 ? 7.495   3.645   -25.153 1.00 31.23 ? 16  GLN A CG  1 
ATOM   66  C CD  . GLN A 1 16 ? 8.318   4.385   -26.201 1.00 33.68 ? 16  GLN A CD  1 
ATOM   67  O OE1 . GLN A 1 16 ? 7.879   5.390   -26.760 1.00 41.80 ? 16  GLN A OE1 1 
ATOM   68  N NE2 . GLN A 1 16 ? 9.519   3.881   -26.472 1.00 38.35 ? 16  GLN A NE2 1 
ATOM   69  N N   . LYS A 1 17 ? 3.567   5.131   -23.062 1.00 14.57 ? 17  LYS A N   1 
ATOM   70  C CA  . LYS A 1 17 ? 2.886   6.043   -22.148 1.00 19.12 ? 17  LYS A CA  1 
ATOM   71  C C   . LYS A 1 17 ? 2.353   5.290   -20.922 1.00 12.30 ? 17  LYS A C   1 
ATOM   72  O O   . LYS A 1 17 ? 2.427   5.787   -19.795 1.00 7.39  ? 17  LYS A O   1 
ATOM   73  C CB  . LYS A 1 17 ? 1.769   6.825   -22.852 1.00 20.21 ? 17  LYS A CB  1 
ATOM   74  C CG  . LYS A 1 17 ? 2.243   7.951   -23.785 1.00 21.42 ? 17  LYS A CG  1 
ATOM   75  C CD  . LYS A 1 17 ? 1.039   8.698   -24.377 1.00 26.18 ? 17  LYS A CD  1 
ATOM   76  C CE  . LYS A 1 17 ? 1.364   9.460   -25.663 1.00 36.12 ? 17  LYS A CE  1 
ATOM   77  N NZ  . LYS A 1 17 ? 2.148   10.714  -25.456 1.00 34.56 ? 17  LYS A NZ  1 
ATOM   78  N N   . ARG A 1 18 ? 1.845   4.084   -21.152 1.00 10.01 ? 18  ARG A N   1 
ATOM   79  C CA  . ARG A 1 18 ? 1.335   3.245   -20.071 1.00 11.90 ? 18  ARG A CA  1 
ATOM   80  C C   . ARG A 1 18 ? 2.440   2.817   -19.100 1.00 11.94 ? 18  ARG A C   1 
ATOM   81  O O   . ARG A 1 18 ? 2.248   2.847   -17.888 1.00 10.79 ? 18  ARG A O   1 
ATOM   82  C CB  . ARG A 1 18 ? 0.624   2.024   -20.646 1.00 8.32  ? 18  ARG A CB  1 
ATOM   83  C CG  . ARG A 1 18 ? -0.560  2.375   -21.516 1.00 11.50 ? 18  ARG A CG  1 
ATOM   84  C CD  . ARG A 1 18 ? -1.127  1.148   -22.215 1.00 13.44 ? 18  ARG A CD  1 
ATOM   85  N NE  . ARG A 1 18 ? -2.378  1.451   -22.901 1.00 14.93 ? 18  ARG A NE  1 
ATOM   86  C CZ  . ARG A 1 18 ? -3.571  1.025   -22.505 1.00 12.10 ? 18  ARG A CZ  1 
ATOM   87  N NH1 . ARG A 1 18 ? -3.677  0.257   -21.427 1.00 9.09  ? 18  ARG A NH1 1 
ATOM   88  N NH2 . ARG A 1 18 ? -4.652  1.352   -23.199 1.00 10.81 ? 18  ARG A NH2 1 
ATOM   89  N N   . LEU A 1 19 ? 3.598   2.431   -19.639 1.00 12.02 ? 19  LEU A N   1 
ATOM   90  C CA  . LEU A 1 19 ? 4.726   2.001   -18.817 1.00 13.72 ? 19  LEU A CA  1 
ATOM   91  C C   . LEU A 1 19 ? 5.204   3.143   -17.906 1.00 13.04 ? 19  LEU A C   1 
ATOM   92  O O   . LEU A 1 19 ? 5.457   2.954   -16.712 1.00 11.40 ? 19  LEU A O   1 
ATOM   93  C CB  . LEU A 1 19 ? 5.867   1.483   -19.708 1.00 14.87 ? 19  LEU A CB  1 
ATOM   94  C CG  . LEU A 1 19 ? 7.222   1.155   -19.067 1.00 21.83 ? 19  LEU A CG  1 
ATOM   95  C CD1 . LEU A 1 19 ? 7.109   0.055   -18.001 1.00 20.02 ? 19  LEU A CD1 1 
ATOM   96  C CD2 . LEU A 1 19 ? 8.247   0.770   -20.139 1.00 25.03 ? 19  LEU A CD2 1 
ATOM   97  N N   . LEU A 1 20 ? 5.310   4.336   -18.475 1.00 10.47 ? 20  LEU A N   1 
ATOM   98  C CA  . LEU A 1 20 ? 5.728   5.495   -17.706 1.00 12.26 ? 20  LEU A CA  1 
ATOM   99  C C   . LEU A 1 20 ? 4.634   5.943   -16.718 1.00 11.84 ? 20  LEU A C   1 
ATOM   100 O O   . LEU A 1 20 ? 4.908   6.704   -15.788 1.00 9.93  ? 20  LEU A O   1 
ATOM   101 C CB  . LEU A 1 20 ? 6.154   6.632   -18.644 1.00 9.52  ? 20  LEU A CB  1 
ATOM   102 C CG  . LEU A 1 20 ? 7.478   6.398   -19.388 1.00 12.96 ? 20  LEU A CG  1 
ATOM   103 C CD1 . LEU A 1 20 ? 7.480   7.145   -20.692 1.00 11.56 ? 20  LEU A CD1 1 
ATOM   104 C CD2 . LEU A 1 20 ? 8.652   6.867   -18.541 1.00 12.03 ? 20  LEU A CD2 1 
ATOM   105 N N   . ALA A 1 21 ? 3.409   5.461   -16.920 1.00 7.65  ? 21  ALA A N   1 
ATOM   106 C CA  . ALA A 1 21 ? 2.311   5.730   -15.993 1.00 10.46 ? 21  ALA A CA  1 
ATOM   107 C C   . ALA A 1 21 ? 2.292   4.804   -14.762 1.00 8.81  ? 21  ALA A C   1 
ATOM   108 O O   . ALA A 1 21 ? 1.644   5.122   -13.774 1.00 9.94  ? 21  ALA A O   1 
ATOM   109 C CB  . ALA A 1 21 ? 0.960   5.669   -16.720 1.00 7.53  ? 21  ALA A CB  1 
ATOM   110 N N   . LEU A 1 22 ? 2.996   3.674   -14.826 1.00 8.11  ? 22  LEU A N   1 
ATOM   111 C CA  . LEU A 1 22 ? 2.873   2.618   -13.804 1.00 11.85 ? 22  LEU A CA  1 
ATOM   112 C C   . LEU A 1 22 ? 3.337   3.031   -12.401 1.00 12.03 ? 22  LEU A C   1 
ATOM   113 O O   . LEU A 1 22 ? 2.574   2.935   -11.442 1.00 10.25 ? 22  LEU A O   1 
ATOM   114 C CB  . LEU A 1 22 ? 3.608   1.338   -14.230 1.00 9.59  ? 22  LEU A CB  1 
ATOM   115 C CG  . LEU A 1 22 ? 3.083   0.589   -15.458 1.00 14.45 ? 22  LEU A CG  1 
ATOM   116 C CD1 . LEU A 1 22 ? 4.122   -0.410  -15.903 1.00 15.45 ? 22  LEU A CD1 1 
ATOM   117 C CD2 . LEU A 1 22 ? 1.735   -0.112  -15.206 1.00 9.70  ? 22  LEU A CD2 1 
ATOM   118 N N   . ASP A 1 23 ? 4.588   3.463   -12.283 1.00 9.48  ? 23  ASP A N   1 
ATOM   119 C CA  . ASP A 1 23 ? 5.106   3.906   -10.992 1.00 12.95 ? 23  ASP A CA  1 
ATOM   120 C C   . ASP A 1 23 ? 4.326   5.070   -10.396 1.00 12.35 ? 23  ASP A C   1 
ATOM   121 O O   . ASP A 1 23 ? 3.963   5.016   -9.226  1.00 15.46 ? 23  ASP A O   1 
ATOM   122 C CB  . ASP A 1 23 ? 6.609   4.209   -11.045 1.00 14.92 ? 23  ASP A CB  1 
ATOM   123 C CG  . ASP A 1 23 ? 7.440   2.958   -11.184 1.00 19.89 ? 23  ASP A CG  1 
ATOM   124 O OD1 . ASP A 1 23 ? 7.139   1.978   -10.460 1.00 32.41 ? 23  ASP A OD1 1 
ATOM   125 O OD2 . ASP A 1 23 ? 8.378   2.945   -12.022 1.00 20.04 ? 23  ASP A OD2 1 
ATOM   126 N N   . PRO A 1 24 ? 4.055   6.119   -11.190 1.00 12.93 ? 24  PRO A N   1 
ATOM   127 C CA  . PRO A 1 24 ? 3.220   7.173   -10.596 1.00 11.92 ? 24  PRO A CA  1 
ATOM   128 C C   . PRO A 1 24 ? 1.838   6.672   -10.140 1.00 16.21 ? 24  PRO A C   1 
ATOM   129 O O   . PRO A 1 24 ? 1.336   7.119   -9.100  1.00 16.07 ? 24  PRO A O   1 
ATOM   130 C CB  . PRO A 1 24 ? 3.076   8.188   -11.737 1.00 11.80 ? 24  PRO A CB  1 
ATOM   131 C CG  . PRO A 1 24 ? 4.315   7.979   -12.570 1.00 10.57 ? 24  PRO A CG  1 
ATOM   132 C CD  . PRO A 1 24 ? 4.575   6.505   -12.518 1.00 7.53  ? 24  PRO A CD  1 
ATOM   133 N N   . MET A 1 25 ? 1.220   5.768   -10.892 1.00 11.90 ? 25  MET A N   1 
ATOM   134 C CA  . MET A 1 25 ? -0.044  5.206   -10.432 1.00 14.80 ? 25  MET A CA  1 
ATOM   135 C C   . MET A 1 25 ? 0.170   4.322   -9.193  1.00 12.72 ? 25  MET A C   1 
ATOM   136 O O   . MET A 1 25 ? -0.632  4.351   -8.257  1.00 9.93  ? 25  MET A O   1 
ATOM   137 C CB  . MET A 1 25 ? -0.743  4.419   -11.544 1.00 11.10 ? 25  MET A CB  1 
ATOM   138 C CG  . MET A 1 25 ? -1.353  5.298   -12.621 1.00 19.12 ? 25  MET A CG  1 
ATOM   139 S SD  . MET A 1 25 ? -1.840  4.386   -14.105 1.00 21.46 ? 25  MET A SD  1 
ATOM   140 C CE  . MET A 1 25 ? -2.954  3.171   -13.404 1.00 16.11 ? 25  MET A CE  1 
ATOM   141 N N   . MET A 1 26 ? 1.242   3.536   -9.203  1.00 8.31  ? 26  MET A N   1 
ATOM   142 C CA  . MET A 1 26 ? 1.521   2.608   -8.111  1.00 13.05 ? 26  MET A CA  1 
ATOM   143 C C   . MET A 1 26 ? 1.819   3.348   -6.798  1.00 17.48 ? 26  MET A C   1 
ATOM   144 O O   . MET A 1 26 ? 1.290   2.993   -5.735  1.00 11.04 ? 26  MET A O   1 
ATOM   145 C CB  . MET A 1 26 ? 2.671   1.655   -8.457  1.00 10.49 ? 26  MET A CB  1 
ATOM   146 C CG  . MET A 1 26 ? 3.039   0.741   -7.296  1.00 8.11  ? 26  MET A CG  1 
ATOM   147 S SD  . MET A 1 26 ? 4.476   -0.302  -7.575  1.00 11.56 ? 26  MET A SD  1 
ATOM   148 C CE  . MET A 1 26 ? 5.772   0.942   -7.634  1.00 15.62 ? 26  MET A CE  1 
ATOM   149 N N   . GLU A 1 27 ? 2.646   4.388   -6.882  1.00 12.11 ? 27  GLU A N   1 
ATOM   150 C CA  . GLU A 1 27 ? 2.942   5.210   -5.715  1.00 17.44 ? 27  GLU A CA  1 
ATOM   151 C C   . GLU A 1 27 ? 1.695   5.904   -5.164  1.00 18.67 ? 27  GLU A C   1 
ATOM   152 O O   . GLU A 1 27 ? 1.600   6.161   -3.962  1.00 11.35 ? 27  GLU A O   1 
ATOM   153 C CB  . GLU A 1 27 ? 4.057   6.214   -6.020  1.00 14.60 ? 27  GLU A CB  1 
ATOM   154 C CG  . GLU A 1 27 ? 5.402   5.545   -6.285  1.00 20.84 ? 27  GLU A CG  1 
ATOM   155 C CD  . GLU A 1 27 ? 5.791   4.526   -5.204  1.00 28.67 ? 27  GLU A CD  1 
ATOM   156 O OE1 . GLU A 1 27 ? 5.560   3.315   -5.415  1.00 26.72 ? 27  GLU A OE1 1 
ATOM   157 O OE2 . GLU A 1 27 ? 6.336   4.933   -4.149  1.00 25.88 ? 27  GLU A OE2 1 
ATOM   158 N N   . GLN A 1 28 ? 0.724   6.174   -6.035  1.00 16.75 ? 28  GLN A N   1 
ATOM   159 C CA  . GLN A 1 28 ? -0.525  6.813   -5.620  1.00 15.31 ? 28  GLN A CA  1 
ATOM   160 C C   . GLN A 1 28 ? -1.494  5.835   -4.919  1.00 17.79 ? 28  GLN A C   1 
ATOM   161 O O   . GLN A 1 28 ? -2.242  6.232   -4.014  1.00 17.35 ? 28  GLN A O   1 
ATOM   162 C CB  . GLN A 1 28 ? -1.175  7.516   -6.820  1.00 18.30 ? 28  GLN A CB  1 
ATOM   163 C CG  . GLN A 1 28 ? -2.695  7.568   -6.798  1.00 25.04 ? 28  GLN A CG  1 
ATOM   164 C CD  . GLN A 1 28 ? -3.232  8.580   -5.802  1.00 40.96 ? 28  GLN A CD  1 
ATOM   165 O OE1 . GLN A 1 28 ? -2.508  9.477   -5.357  1.00 33.55 ? 28  GLN A OE1 1 
ATOM   166 N NE2 . GLN A 1 28 ? -4.515  8.443   -5.447  1.00 32.49 ? 28  GLN A NE2 1 
ATOM   167 N N   . GLU A 1 29 ? -1.468  4.564   -5.334  1.00 14.25 ? 29  GLU A N   1 
ATOM   168 C CA  . GLU A 1 29 ? -2.231  3.505   -4.669  1.00 16.27 ? 29  GLU A CA  1 
ATOM   169 C C   . GLU A 1 29 ? -1.653  3.265   -3.281  1.00 10.42 ? 29  GLU A C   1 
ATOM   170 O O   . GLU A 1 29 ? -2.384  3.137   -2.303  1.00 9.49  ? 29  GLU A O   1 
ATOM   171 C CB  . GLU A 1 29 ? -2.160  2.181   -5.442  1.00 8.79  ? 29  GLU A CB  1 
ATOM   172 C CG  . GLU A 1 29 ? -3.086  2.064   -6.636  1.00 21.57 ? 29  GLU A CG  1 
ATOM   173 C CD  . GLU A 1 29 ? -3.338  0.607   -7.031  1.00 15.63 ? 29  GLU A CD  1 
ATOM   174 O OE1 . GLU A 1 29 ? -3.376  0.326   -8.246  1.00 17.63 ? 29  GLU A OE1 1 
ATOM   175 O OE2 . GLU A 1 29 ? -3.506  -0.250  -6.128  1.00 10.13 ? 29  GLU A OE2 1 
ATOM   176 N N   . ILE A 1 30 ? -0.330  3.178   -3.226  1.00 10.69 ? 30  ILE A N   1 
ATOM   177 C CA  . ILE A 1 30 ? 0.397   2.950   -1.984  1.00 17.56 ? 30  ILE A CA  1 
ATOM   178 C C   . ILE A 1 30 ? 0.104   4.052   -0.957  1.00 16.06 ? 30  ILE A C   1 
ATOM   179 O O   . ILE A 1 30 ? -0.195  3.777   0.214   1.00 11.57 ? 30  ILE A O   1 
ATOM   180 C CB  . ILE A 1 30 ? 1.899   2.809   -2.267  1.00 12.37 ? 30  ILE A CB  1 
ATOM   181 C CG1 . ILE A 1 30 ? 2.174   1.433   -2.878  1.00 10.03 ? 30  ILE A CG1 1 
ATOM   182 C CG2 . ILE A 1 30 ? 2.717   3.028   -0.997  1.00 14.86 ? 30  ILE A CG2 1 
ATOM   183 C CD1 . ILE A 1 30 ? 3.580   1.284   -3.404  1.00 14.48 ? 30  ILE A CD1 1 
ATOM   184 N N   . GLU A 1 31 ? 0.144   5.296   -1.423  1.00 16.32 ? 31  GLU A N   1 
ATOM   185 C CA  . GLU A 1 31 ? -0.222  6.434   -0.598  1.00 17.92 ? 31  GLU A CA  1 
ATOM   186 C C   . GLU A 1 31 ? -1.638  6.245   -0.042  1.00 22.57 ? 31  GLU A C   1 
ATOM   187 O O   . GLU A 1 31 ? -1.888  6.484   1.142   1.00 18.53 ? 31  GLU A O   1 
ATOM   188 C CB  . GLU A 1 31 ? -0.110  7.719   -1.416  1.00 20.28 ? 31  GLU A CB  1 
ATOM   189 C CG  . GLU A 1 31 ? -0.603  8.961   -0.717  1.00 28.37 ? 31  GLU A CG  1 
ATOM   190 C CD  . GLU A 1 31 ? 0.336   9.416   0.377   1.00 45.24 ? 31  GLU A CD  1 
ATOM   191 O OE1 . GLU A 1 31 ? 1.527   9.023   0.337   1.00 45.60 ? 31  GLU A OE1 1 
ATOM   192 O OE2 . GLU A 1 31 ? -0.122  10.163  1.273   1.00 39.65 ? 31  GLU A OE2 1 
ATOM   193 N N   . GLU A 1 32 ? -2.557  5.784   -0.887  1.00 15.40 ? 32  GLU A N   1 
ATOM   194 C CA  . GLU A 1 32 ? -3.917  5.514   -0.432  1.00 18.43 ? 32  GLU A CA  1 
ATOM   195 C C   . GLU A 1 32 ? -3.934  4.440   0.655   1.00 18.42 ? 32  GLU A C   1 
ATOM   196 O O   . GLU A 1 32 ? -4.700  4.523   1.623   1.00 7.77  ? 32  GLU A O   1 
ATOM   197 C CB  . GLU A 1 32 ? -4.808  5.102   -1.604  1.00 19.91 ? 32  GLU A CB  1 
ATOM   198 C CG  . GLU A 1 32 ? -5.108  6.246   -2.548  1.00 27.93 ? 32  GLU A CG  1 
ATOM   199 C CD  . GLU A 1 32 ? -5.924  7.346   -1.883  1.00 36.61 ? 32  GLU A CD  1 
ATOM   200 O OE1 . GLU A 1 32 ? -7.131  7.108   -1.639  1.00 29.46 ? 32  GLU A OE1 1 
ATOM   201 O OE2 . GLU A 1 32 ? -5.357  8.435   -1.599  1.00 35.62 ? 32  GLU A OE2 1 
ATOM   202 N N   . ILE A 1 33 ? -3.076  3.438   0.488   1.00 12.64 ? 33  ILE A N   1 
ATOM   203 C CA  . ILE A 1 33 ? -2.993  2.354   1.449   1.00 15.41 ? 33  ILE A CA  1 
ATOM   204 C C   . ILE A 1 33 ? -2.483  2.859   2.796   1.00 15.00 ? 33  ILE A C   1 
ATOM   205 O O   . ILE A 1 33 ? -3.024  2.501   3.843   1.00 17.87 ? 33  ILE A O   1 
ATOM   206 C CB  . ILE A 1 33 ? -2.112  1.221   0.919   1.00 15.24 ? 33  ILE A CB  1 
ATOM   207 C CG1 . ILE A 1 33 ? -2.878  0.435   -0.138  1.00 12.40 ? 33  ILE A CG1 1 
ATOM   208 C CG2 . ILE A 1 33 ? -1.666  0.292   2.041   1.00 9.54  ? 33  ILE A CG2 1 
ATOM   209 C CD1 . ILE A 1 33 ? -1.964  -0.242  -1.092  1.00 16.74 ? 33  ILE A CD1 1 
ATOM   210 N N   . ARG A 1 34 ? -1.468  3.717   2.762   1.00 13.42 ? 34  ARG A N   1 
ATOM   211 C CA  . ARG A 1 34 ? -0.854  4.210   3.993   1.00 15.46 ? 34  ARG A CA  1 
ATOM   212 C C   . ARG A 1 34 ? -1.809  5.072   4.801   1.00 12.34 ? 34  ARG A C   1 
ATOM   213 O O   . ARG A 1 34 ? -1.900  4.910   6.009   1.00 13.67 ? 34  ARG A O   1 
ATOM   214 C CB  . ARG A 1 34 ? 0.459   4.944   3.706   1.00 13.41 ? 34  ARG A CB  1 
ATOM   215 C CG  . ARG A 1 34 ? 1.528   4.016   3.153   1.00 20.06 ? 34  ARG A CG  1 
ATOM   216 C CD  . ARG A 1 34 ? 2.910   4.636   3.171   1.00 31.53 ? 34  ARG A CD  1 
ATOM   217 N NE  . ARG A 1 34 ? 3.955   3.643   2.918   1.00 40.74 ? 34  ARG A NE  1 
ATOM   218 C CZ  . ARG A 1 34 ? 4.681   3.057   3.872   1.00 45.66 ? 34  ARG A CZ  1 
ATOM   219 N NH1 . ARG A 1 34 ? 4.471   3.374   5.148   1.00 47.85 ? 34  ARG A NH1 1 
ATOM   220 N NH2 . ARG A 1 34 ? 5.618   2.164   3.553   1.00 28.94 ? 34  ARG A NH2 1 
ATOM   221 N N   . GLN A 1 35 ? -2.515  5.974   4.124   1.00 15.84 ? 35  GLN A N   1 
ATOM   222 C CA  . GLN A 1 35 ? -3.579  6.768   4.737   1.00 19.19 ? 35  GLN A CA  1 
ATOM   223 C C   . GLN A 1 35 ? -4.665  5.879   5.339   1.00 17.80 ? 35  GLN A C   1 
ATOM   224 O O   . GLN A 1 35 ? -5.186  6.163   6.419   1.00 14.71 ? 35  GLN A O   1 
ATOM   225 C CB  . GLN A 1 35 ? -4.222  7.705   3.710   1.00 14.89 ? 35  GLN A CB  1 
ATOM   226 C CG  . GLN A 1 35 ? -3.359  8.875   3.293   1.00 22.47 ? 35  GLN A CG  1 
ATOM   227 C CD  . GLN A 1 35 ? -4.088  9.831   2.362   1.00 40.15 ? 35  GLN A CD  1 
ATOM   228 O OE1 . GLN A 1 35 ? -5.315  9.993   2.440   1.00 52.61 ? 35  GLN A OE1 1 
ATOM   229 N NE2 . GLN A 1 35 ? -3.338  10.468  1.469   1.00 28.38 ? 35  GLN A NE2 1 
ATOM   230 N N   . LYS A 1 36 ? -5.019  4.812   4.633   1.00 12.51 ? 36  LYS A N   1 
ATOM   231 C CA  . LYS A 1 36 ? -6.015  3.903   5.155   1.00 12.99 ? 36  LYS A CA  1 
ATOM   232 C C   . LYS A 1 36 ? -5.521  3.285   6.457   1.00 16.19 ? 36  LYS A C   1 
ATOM   233 O O   . LYS A 1 36 ? -6.250  3.240   7.444   1.00 13.43 ? 36  LYS A O   1 
ATOM   234 C CB  . LYS A 1 36 ? -6.345  2.806   4.154   1.00 12.27 ? 36  LYS A CB  1 
ATOM   235 C CG  . LYS A 1 36 ? -7.349  1.787   4.700   1.00 20.36 ? 36  LYS A CG  1 
ATOM   236 C CD  . LYS A 1 36 ? -7.660  0.650   3.722   1.00 24.53 ? 36  LYS A CD  1 
ATOM   237 C CE  . LYS A 1 36 ? -6.522  -0.361  3.663   1.00 33.11 ? 36  LYS A CE  1 
ATOM   238 N NZ  . LYS A 1 36 ? -6.799  -1.563  2.794   1.00 38.02 ? 36  LYS A NZ  1 
ATOM   239 N N   . TYR A 1 37 ? -4.279  2.814   6.454   1.00 9.85  ? 37  TYR A N   1 
ATOM   240 C CA  . TYR A 1 37 ? -3.759  2.105   7.613   1.00 13.64 ? 37  TYR A CA  1 
ATOM   241 C C   . TYR A 1 37 ? -3.398  3.056   8.747   1.00 14.53 ? 37  TYR A C   1 
ATOM   242 O O   . TYR A 1 37 ? -3.481  2.684   9.917   1.00 10.35 ? 37  TYR A O   1 
ATOM   243 C CB  . TYR A 1 37 ? -2.578  1.199   7.250   1.00 13.99 ? 37  TYR A CB  1 
ATOM   244 C CG  . TYR A 1 37 ? -3.027  -0.150  6.757   1.00 18.25 ? 37  TYR A CG  1 
ATOM   245 C CD1 . TYR A 1 37 ? -3.289  -0.363  5.408   1.00 16.09 ? 37  TYR A CD1 1 
ATOM   246 C CD2 . TYR A 1 37 ? -3.208  -1.212  7.639   1.00 14.04 ? 37  TYR A CD2 1 
ATOM   247 C CE1 . TYR A 1 37 ? -3.707  -1.599  4.954   1.00 23.39 ? 37  TYR A CE1 1 
ATOM   248 C CE2 . TYR A 1 37 ? -3.629  -2.450  7.195   1.00 13.59 ? 37  TYR A CE2 1 
ATOM   249 C CZ  . TYR A 1 37 ? -3.882  -2.640  5.852   1.00 24.94 ? 37  TYR A CZ  1 
ATOM   250 O OH  . TYR A 1 37 ? -4.304  -3.870  5.392   1.00 25.69 ? 37  TYR A OH  1 
ATOM   251 N N   . GLN A 1 38 ? -3.008  4.280   8.407   1.00 8.67  ? 38  GLN A N   1 
ATOM   252 C CA  . GLN A 1 38 ? -2.786  5.268   9.442   1.00 14.77 ? 38  GLN A CA  1 
ATOM   253 C C   . GLN A 1 38 ? -4.109  5.582   10.141  1.00 15.36 ? 38  GLN A C   1 
ATOM   254 O O   . GLN A 1 38 ? -4.156  5.742   11.363  1.00 12.92 ? 38  GLN A O   1 
ATOM   255 C CB  . GLN A 1 38 ? -2.142  6.537   8.892   1.00 14.36 ? 38  GLN A CB  1 
ATOM   256 C CG  . GLN A 1 38 ? -1.718  7.499   9.996   1.00 24.97 ? 38  GLN A CG  1 
ATOM   257 C CD  . GLN A 1 38 ? -0.935  6.807   11.133  1.00 38.65 ? 38  GLN A CD  1 
ATOM   258 O OE1 . GLN A 1 38 ? 0.049   6.098   10.891  1.00 38.63 ? 38  GLN A OE1 1 
ATOM   259 N NE2 . GLN A 1 38 ? -1.380  7.015   12.378  1.00 32.33 ? 38  GLN A NE2 1 
ATOM   260 N N   . SER A 1 39 ? -5.183  5.626   9.358   1.00 16.34 ? 39  SER A N   1 
ATOM   261 C CA  . SER A 1 39 ? -6.520  5.857   9.887   1.00 16.15 ? 39  SER A CA  1 
ATOM   262 C C   . SER A 1 39 ? -6.922  4.754   10.852  1.00 14.82 ? 39  SER A C   1 
ATOM   263 O O   . SER A 1 39 ? -7.618  5.012   11.838  1.00 12.95 ? 39  SER A O   1 
ATOM   264 C CB  . SER A 1 39 ? -7.541  5.965   8.748   1.00 21.30 ? 39  SER A CB  1 
ATOM   265 O OG  . SER A 1 39 ? -8.821  5.495   9.157   1.00 22.61 ? 39  SER A OG  1 
ATOM   266 N N   . LYS A 1 40 ? -6.477  3.529   10.568  1.00 12.19 ? 40  LYS A N   1 
ATOM   267 C CA  . LYS A 1 40 ? -6.824  2.379   11.408  1.00 15.05 ? 40  LYS A CA  1 
ATOM   268 C C   . LYS A 1 40 ? -5.977  2.305   12.679  1.00 14.68 ? 40  LYS A C   1 
ATOM   269 O O   . LYS A 1 40 ? -6.429  1.801   13.705  1.00 15.83 ? 40  LYS A O   1 
ATOM   270 C CB  . LYS A 1 40 ? -6.722  1.063   10.633  1.00 14.17 ? 40  LYS A CB  1 
ATOM   271 C CG  . LYS A 1 40 ? -7.781  0.897   9.579   1.00 16.04 ? 40  LYS A CG  1 
ATOM   272 C CD  . LYS A 1 40 ? -7.887  -0.545  9.141   1.00 24.87 ? 40  LYS A CD  1 
ATOM   273 C CE  . LYS A 1 40 ? -6.534  -1.091  8.767   1.00 27.37 ? 40  LYS A CE  1 
ATOM   274 N NZ  . LYS A 1 40 ? -6.650  -2.437  8.132   1.00 43.74 ? 40  LYS A NZ  1 
ATOM   275 N N   . ARG A 1 41 ? -4.755  2.818   12.613  1.00 11.66 ? 41  ARG A N   1 
ATOM   276 C CA  . ARG A 1 41 ? -3.886  2.784   13.778  1.00 15.61 ? 41  ARG A CA  1 
ATOM   277 C C   . ARG A 1 41 ? -4.074  4.017   14.678  1.00 12.19 ? 41  ARG A C   1 
ATOM   278 O O   . ARG A 1 41 ? -3.743  3.976   15.858  1.00 9.63  ? 41  ARG A O   1 
ATOM   279 C CB  . ARG A 1 41 ? -2.416  2.568   13.379  1.00 9.04  ? 41  ARG A CB  1 
ATOM   280 C CG  . ARG A 1 41 ? -1.704  3.779   12.830  1.00 16.18 ? 41  ARG A CG  1 
ATOM   281 C CD  . ARG A 1 41 ? -0.202  3.497   12.651  1.00 21.15 ? 41  ARG A CD  1 
ATOM   282 N NE  . ARG A 1 41 ? 0.022   2.209   11.997  1.00 17.40 ? 41  ARG A NE  1 
ATOM   283 C CZ  . ARG A 1 41 ? 0.209   2.037   10.686  1.00 22.12 ? 41  ARG A CZ  1 
ATOM   284 N NH1 . ARG A 1 41 ? 0.213   3.081   9.861   1.00 14.32 ? 41  ARG A NH1 1 
ATOM   285 N NH2 . ARG A 1 41 ? 0.400   0.807   10.200  1.00 16.34 ? 41  ARG A NH2 1 
ATOM   286 N N   . GLN A 1 42 ? -4.642  5.092   14.134  1.00 13.01 ? 42  GLN A N   1 
ATOM   287 C CA  . GLN A 1 42 ? -4.783  6.327   14.906  1.00 12.08 ? 42  GLN A CA  1 
ATOM   288 C C   . GLN A 1 42 ? -5.565  6.198   16.234  1.00 13.18 ? 42  GLN A C   1 
ATOM   289 O O   . GLN A 1 42 ? -5.088  6.675   17.268  1.00 8.94  ? 42  GLN A O   1 
ATOM   290 C CB  . GLN A 1 42 ? -5.334  7.476   14.057  1.00 9.81  ? 42  GLN A CB  1 
ATOM   291 C CG  . GLN A 1 42 ? -5.184  8.843   14.739  1.00 11.85 ? 42  GLN A CG  1 
ATOM   292 C CD  . GLN A 1 42 ? -3.739  9.129   15.134  1.00 23.75 ? 42  GLN A CD  1 
ATOM   293 O OE1 . GLN A 1 42 ? -2.918  9.497   14.293  1.00 23.80 ? 42  GLN A OE1 1 
ATOM   294 N NE2 . GLN A 1 42 ? -3.420  8.945   16.419  1.00 23.26 ? 42  GLN A NE2 1 
ATOM   295 N N   . PRO A 1 43 ? -6.759  5.557   16.215  1.00 12.34 ? 43  PRO A N   1 
ATOM   296 C CA  . PRO A 1 43 ? -7.448  5.451   17.516  1.00 12.72 ? 43  PRO A CA  1 
ATOM   297 C C   . PRO A 1 43 ? -6.731  4.514   18.491  1.00 10.94 ? 43  PRO A C   1 
ATOM   298 O O   . PRO A 1 43 ? -6.969  4.570   19.697  1.00 10.36 ? 43  PRO A O   1 
ATOM   299 C CB  . PRO A 1 43 ? -8.848  4.926   17.158  1.00 11.19 ? 43  PRO A CB  1 
ATOM   300 C CG  . PRO A 1 43 ? -8.727  4.337   15.790  1.00 11.72 ? 43  PRO A CG  1 
ATOM   301 C CD  . PRO A 1 43 ? -7.572  5.030   15.098  1.00 10.81 ? 43  PRO A CD  1 
ATOM   302 N N   . ILE A 1 44 ? -5.846  3.671   17.977  1.00 10.02 ? 44  ILE A N   1 
ATOM   303 C CA  . ILE A 1 44 ? -5.038  2.837   18.854  1.00 8.11  ? 44  ILE A CA  1 
ATOM   304 C C   . ILE A 1 44 ? -3.943  3.684   19.500  1.00 8.55  ? 44  ILE A C   1 
ATOM   305 O O   . ILE A 1 44 ? -3.732  3.628   20.718  1.00 5.87  ? 44  ILE A O   1 
ATOM   306 C CB  . ILE A 1 44 ? -4.472  1.628   18.107  1.00 9.38  ? 44  ILE A CB  1 
ATOM   307 C CG1 . ILE A 1 44 ? -5.620  0.651   17.796  1.00 9.91  ? 44  ILE A CG1 1 
ATOM   308 C CG2 . ILE A 1 44 ? -3.398  0.947   18.928  1.00 5.61  ? 44  ILE A CG2 1 
ATOM   309 C CD1 . ILE A 1 44 ? -5.302  -0.344  16.712  1.00 8.66  ? 44  ILE A CD1 1 
ATOM   310 N N   . LEU A 1 45 ? -3.284  4.504   18.687  1.00 8.28  ? 45  LEU A N   1 
ATOM   311 C CA  . LEU A 1 45 ? -2.268  5.427   19.180  1.00 9.97  ? 45  LEU A CA  1 
ATOM   312 C C   . LEU A 1 45 ? -2.860  6.355   20.247  1.00 9.67  ? 45  LEU A C   1 
ATOM   313 O O   . LEU A 1 45 ? -2.211  6.643   21.256  1.00 7.56  ? 45  LEU A O   1 
ATOM   314 C CB  . LEU A 1 45 ? -1.688  6.262   18.032  1.00 5.82  ? 45  LEU A CB  1 
ATOM   315 C CG  . LEU A 1 45 ? -0.393  5.866   17.314  1.00 13.30 ? 45  LEU A CG  1 
ATOM   316 C CD1 . LEU A 1 45 ? 0.315   4.628   17.881  1.00 5.80  ? 45  LEU A CD1 1 
ATOM   317 C CD2 . LEU A 1 45 ? -0.637  5.730   15.816  1.00 14.01 ? 45  LEU A CD2 1 
ATOM   318 N N   . ASP A 1 46 ? -4.085  6.821   20.011  1.00 7.34  ? 46  ASP A N   1 
ATOM   319 C CA  . ASP A 1 46 ? -4.777  7.701   20.952  1.00 7.98  ? 46  ASP A CA  1 
ATOM   320 C C   . ASP A 1 46 ? -5.016  7.009   22.283  1.00 8.27  ? 46  ASP A C   1 
ATOM   321 O O   . ASP A 1 46 ? -4.794  7.605   23.326  1.00 8.00  ? 46  ASP A O   1 
ATOM   322 C CB  . ASP A 1 46 ? -6.132  8.165   20.401  1.00 9.61  ? 46  ASP A CB  1 
ATOM   323 C CG  . ASP A 1 46 ? -6.005  8.982   19.128  1.00 17.94 ? 46  ASP A CG  1 
ATOM   324 O OD1 . ASP A 1 46 ? -4.912  9.551   18.889  1.00 16.11 ? 46  ASP A OD1 1 
ATOM   325 O OD2 . ASP A 1 46 ? -7.008  9.049   18.370  1.00 16.50 ? 46  ASP A OD2 1 
ATOM   326 N N   . ALA A 1 47 ? -5.488  5.762   22.253  1.00 6.54  ? 47  ALA A N   1 
ATOM   327 C CA  . ALA A 1 47 ? -5.716  5.024   23.490  1.00 5.72  ? 47  ALA A CA  1 
ATOM   328 C C   . ALA A 1 47 ? -4.411  4.825   24.278  1.00 6.95  ? 47  ALA A C   1 
ATOM   329 O O   . ALA A 1 47 ? -4.409  4.875   25.503  1.00 7.63  ? 47  ALA A O   1 
ATOM   330 C CB  . ALA A 1 47 ? -6.369  3.681   23.212  1.00 3.74  ? 47  ALA A CB  1 
ATOM   331 N N   . ILE A 1 48 ? -3.316  4.593   23.566  1.00 3.62  ? 48  ILE A N   1 
ATOM   332 C CA  . ILE A 1 48 ? -2.038  4.396   24.206  1.00 7.28  ? 48  ILE A CA  1 
ATOM   333 C C   . ILE A 1 48 ? -1.646  5.689   24.917  1.00 8.20  ? 48  ILE A C   1 
ATOM   334 O O   . ILE A 1 48 ? -1.303  5.675   26.095  1.00 5.34  ? 48  ILE A O   1 
ATOM   335 C CB  . ILE A 1 48 ? -0.957  3.971   23.186  1.00 5.92  ? 48  ILE A CB  1 
ATOM   336 C CG1 . ILE A 1 48 ? -1.131  2.485   22.832  1.00 3.97  ? 48  ILE A CG1 1 
ATOM   337 C CG2 . ILE A 1 48 ? 0.431   4.260   23.737  1.00 2.38  ? 48  ILE A CG2 1 
ATOM   338 C CD1 . ILE A 1 48 ? -0.255  2.001   21.677  1.00 4.77  ? 48  ILE A CD1 1 
ATOM   339 N N   . GLU A 1 49 ? -1.761  6.803   24.200  1.00 6.21  ? 49  GLU A N   1 
ATOM   340 C CA  . GLU A 1 49 ? -1.396  8.112   24.725  1.00 8.77  ? 49  GLU A CA  1 
ATOM   341 C C   . GLU A 1 49 ? -2.303  8.624   25.854  1.00 12.90 ? 49  GLU A C   1 
ATOM   342 O O   . GLU A 1 49 ? -1.855  9.424   26.677  1.00 12.80 ? 49  GLU A O   1 
ATOM   343 C CB  . GLU A 1 49 ? -1.324  9.143   23.598  1.00 5.35  ? 49  GLU A CB  1 
ATOM   344 C CG  . GLU A 1 49 ? -0.332  8.776   22.514  1.00 7.60  ? 49  GLU A CG  1 
ATOM   345 C CD  . GLU A 1 49 ? 1.090   8.662   23.044  1.00 16.42 ? 49  GLU A CD  1 
ATOM   346 O OE1 . GLU A 1 49 ? 1.497   9.532   23.850  1.00 15.19 ? 49  GLU A OE1 1 
ATOM   347 O OE2 . GLU A 1 49 ? 1.797   7.698   22.666  1.00 13.74 ? 49  GLU A OE2 1 
ATOM   348 N N   . ALA A 1 50 ? -3.553  8.157   25.897  1.00 4.28  ? 50  ALA A N   1 
ATOM   349 C CA  . ALA A 1 50 ? -4.518  8.620   26.889  1.00 9.81  ? 50  ALA A CA  1 
ATOM   350 C C   . ALA A 1 50 ? -4.410  7.847   28.196  1.00 9.64  ? 50  ALA A C   1 
ATOM   351 O O   . ALA A 1 50 ? -5.016  8.209   29.193  1.00 10.06 ? 50  ALA A O   1 
ATOM   352 C CB  . ALA A 1 50 ? -5.968  8.530   26.339  1.00 7.19  ? 50  ALA A CB  1 
ATOM   353 N N   . LYS A 1 51 ? -3.666  6.756   28.186  1.00 9.94  ? 51  LYS A N   1 
ATOM   354 C CA  . LYS A 1 51 ? -3.455  6.025   29.419  1.00 13.37 ? 51  LYS A CA  1 
ATOM   355 C C   . LYS A 1 51 ? -2.439  6.760   30.299  1.00 17.79 ? 51  LYS A C   1 
ATOM   356 O O   . LYS A 1 51 ? -1.829  7.769   29.890  1.00 14.42 ? 51  LYS A O   1 
ATOM   357 C CB  . LYS A 1 51 ? -2.986  4.603   29.130  1.00 14.29 ? 51  LYS A CB  1 
ATOM   358 C CG  . LYS A 1 51 ? -4.060  3.728   28.533  1.00 10.46 ? 51  LYS A CG  1 
ATOM   359 C CD  . LYS A 1 51 ? -3.535  2.321   28.330  1.00 18.95 ? 51  LYS A CD  1 
ATOM   360 C CE  . LYS A 1 51 ? -4.642  1.372   27.931  1.00 14.50 ? 51  LYS A CE  1 
ATOM   361 N NZ  . LYS A 1 51 ? -5.713  1.268   28.972  1.00 22.81 ? 51  LYS A NZ  1 
ATOM   362 N N   . VAL B 2 4  ? -14.945 -0.143  18.584  1.00 12.36 ? 2   VAL B N   1 
ATOM   363 C CA  . VAL B 2 4  ? -13.947 -0.714  19.501  1.00 16.08 ? 2   VAL B CA  1 
ATOM   364 C C   . VAL B 2 4  ? -13.439 0.290   20.532  1.00 12.39 ? 2   VAL B C   1 
ATOM   365 O O   . VAL B 2 4  ? -12.872 1.328   20.185  1.00 12.06 ? 2   VAL B O   1 
ATOM   366 C CB  . VAL B 2 4  ? -12.726 -1.284  18.760  1.00 14.02 ? 2   VAL B CB  1 
ATOM   367 C CG1 . VAL B 2 4  ? -11.763 -1.942  19.750  1.00 11.67 ? 2   VAL B CG1 1 
ATOM   368 C CG2 . VAL B 2 4  ? -13.168 -2.271  17.695  1.00 14.13 ? 2   VAL B CG2 1 
ATOM   369 N N   . GLU B 2 5  ? -13.663 -0.028  21.801  1.00 10.05 ? 3   GLU B N   1 
ATOM   370 C CA  . GLU B 2 5  ? -13.147 0.759   22.907  1.00 15.40 ? 3   GLU B CA  1 
ATOM   371 C C   . GLU B 2 5  ? -11.732 0.298   23.197  1.00 12.52 ? 3   GLU B C   1 
ATOM   372 O O   . GLU B 2 5  ? -11.512 -0.573  24.045  1.00 8.63  ? 3   GLU B O   1 
ATOM   373 C CB  . GLU B 2 5  ? -14.014 0.578   24.154  1.00 17.63 ? 3   GLU B CB  1 
ATOM   374 C CG  . GLU B 2 5  ? -15.388 1.207   24.036  1.00 26.76 ? 3   GLU B CG  1 
ATOM   375 C CD  . GLU B 2 5  ? -15.617 2.312   25.057  1.00 49.32 ? 3   GLU B CD  1 
ATOM   376 O OE1 . GLU B 2 5  ? -16.803 2.616   25.334  1.00 45.54 ? 3   GLU B OE1 1 
ATOM   377 O OE2 . GLU B 2 5  ? -14.616 2.873   25.575  1.00 40.02 ? 3   GLU B OE2 1 
ATOM   378 N N   . TRP B 2 6  ? -10.779 0.877   22.474  1.00 11.31 ? 4   TRP B N   1 
ATOM   379 C CA  . TRP B 2 6  ? -9.378  0.514   22.629  1.00 11.83 ? 4   TRP B CA  1 
ATOM   380 C C   . TRP B 2 6  ? -8.838  0.707   24.058  1.00 8.87  ? 4   TRP B C   1 
ATOM   381 O O   . TRP B 2 6  ? -7.957  -0.034  24.474  1.00 5.50  ? 4   TRP B O   1 
ATOM   382 C CB  . TRP B 2 6  ? -8.517  1.259   21.607  1.00 10.56 ? 4   TRP B CB  1 
ATOM   383 C CG  . TRP B 2 6  ? -8.911  0.971   20.177  1.00 13.23 ? 4   TRP B CG  1 
ATOM   384 C CD1 . TRP B 2 6  ? -9.526  1.828   19.307  1.00 10.98 ? 4   TRP B CD1 1 
ATOM   385 C CD2 . TRP B 2 6  ? -8.713  -0.255  19.461  1.00 9.57  ? 4   TRP B CD2 1 
ATOM   386 N NE1 . TRP B 2 6  ? -9.720  1.213   18.096  1.00 12.81 ? 4   TRP B NE1 1 
ATOM   387 C CE2 . TRP B 2 6  ? -9.236  -0.069  18.162  1.00 12.77 ? 4   TRP B CE2 1 
ATOM   388 C CE3 . TRP B 2 6  ? -8.152  -1.494  19.791  1.00 7.40  ? 4   TRP B CE3 1 
ATOM   389 C CZ2 . TRP B 2 6  ? -9.211  -1.071  17.191  1.00 9.28  ? 4   TRP B CZ2 1 
ATOM   390 C CZ3 . TRP B 2 6  ? -8.131  -2.494  18.830  1.00 8.89  ? 4   TRP B CZ3 1 
ATOM   391 C CH2 . TRP B 2 6  ? -8.655  -2.273  17.541  1.00 11.65 ? 4   TRP B CH2 1 
ATOM   392 N N   . ASP B 2 7  ? -9.386  1.671   24.808  1.00 6.99  ? 5   ASP B N   1 
ATOM   393 C CA  . ASP B 2 7  ? -8.961  1.905   26.192  1.00 10.95 ? 5   ASP B CA  1 
ATOM   394 C C   . ASP B 2 7  ? -9.149  0.672   27.084  1.00 10.08 ? 5   ASP B C   1 
ATOM   395 O O   . ASP B 2 7  ? -8.581  0.591   28.158  1.00 8.34  ? 5   ASP B O   1 
ATOM   396 C CB  . ASP B 2 7  ? -9.677  3.121   26.806  1.00 18.55 ? 5   ASP B CB  1 
ATOM   397 C CG  . ASP B 2 7  ? -9.124  3.507   28.197  1.00 43.68 ? 5   ASP B CG  1 
ATOM   398 O OD1 . ASP B 2 7  ? -7.884  3.434   28.407  1.00 37.97 ? 5   ASP B OD1 1 
ATOM   399 O OD2 . ASP B 2 7  ? -9.932  3.891   29.085  1.00 43.93 ? 5   ASP B OD2 1 
ATOM   400 N N   . ALA B 2 8  ? -9.934  -0.300  26.637  1.00 12.14 ? 6   ALA B N   1 
ATOM   401 C CA  . ALA B 2 8  ? -10.144 -1.502  27.435  1.00 10.60 ? 6   ALA B CA  1 
ATOM   402 C C   . ALA B 2 8  ? -8.947  -2.442  27.369  1.00 8.11  ? 6   ALA B C   1 
ATOM   403 O O   . ALA B 2 8  ? -8.825  -3.366  28.165  1.00 7.82  ? 6   ALA B O   1 
ATOM   404 C CB  . ALA B 2 8  ? -11.420 -2.226  26.992  1.00 14.43 ? 6   ALA B CB  1 
ATOM   405 N N   . PHE B 2 9  ? -8.071  -2.219  26.402  1.00 7.63  ? 7   PHE B N   1 
ATOM   406 C CA  . PHE B 2 9  ? -6.945  -3.117  26.205  1.00 9.03  ? 7   PHE B CA  1 
ATOM   407 C C   . PHE B 2 9  ? -5.700  -2.603  26.945  1.00 10.51 ? 7   PHE B C   1 
ATOM   408 O O   . PHE B 2 9  ? -5.585  -1.413  27.207  1.00 6.64  ? 7   PHE B O   1 
ATOM   409 C CB  . PHE B 2 9  ? -6.694  -3.333  24.708  1.00 6.50  ? 7   PHE B CB  1 
ATOM   410 C CG  . PHE B 2 9  ? -7.771  -4.167  24.027  1.00 11.01 ? 7   PHE B CG  1 
ATOM   411 C CD1 . PHE B 2 9  ? -7.660  -5.553  23.962  1.00 7.40  ? 7   PHE B CD1 1 
ATOM   412 C CD2 . PHE B 2 9  ? -8.900  -3.565  23.483  1.00 9.50  ? 7   PHE B CD2 1 
ATOM   413 C CE1 . PHE B 2 9  ? -8.638  -6.317  23.365  1.00 11.00 ? 7   PHE B CE1 1 
ATOM   414 C CE2 . PHE B 2 9  ? -9.891  -4.330  22.877  1.00 10.33 ? 7   PHE B CE2 1 
ATOM   415 C CZ  . PHE B 2 9  ? -9.760  -5.708  22.817  1.00 9.67  ? 7   PHE B CZ  1 
ATOM   416 N N   . SER B 2 10 ? -4.793  -3.503  27.312  1.00 6.18  ? 8   SER B N   1 
ATOM   417 C CA  . SER B 2 10 ? -3.564  -3.089  27.975  1.00 10.18 ? 8   SER B CA  1 
ATOM   418 C C   . SER B 2 10 ? -2.585  -2.524  26.950  1.00 10.73 ? 8   SER B C   1 
ATOM   419 O O   . SER B 2 10 ? -2.728  -2.760  25.753  1.00 5.24  ? 8   SER B O   1 
ATOM   420 C CB  . SER B 2 10 ? -2.908  -4.273  28.694  1.00 6.39  ? 8   SER B CB  1 
ATOM   421 O OG  . SER B 2 10 ? -2.429  -5.233  27.759  1.00 7.21  ? 8   SER B OG  1 
ATOM   422 N N   . ILE B 2 11 ? -1.584  -1.795  27.437  1.00 9.75  ? 9   ILE B N   1 
ATOM   423 C CA  . ILE B 2 11 ? -0.507  -1.307  26.586  1.00 8.13  ? 9   ILE B CA  1 
ATOM   424 C C   . ILE B 2 11 ? 0.131   -2.405  25.719  1.00 8.78  ? 9   ILE B C   1 
ATOM   425 O O   . ILE B 2 11 ? 0.253   -2.232  24.510  1.00 7.82  ? 9   ILE B O   1 
ATOM   426 C CB  . ILE B 2 11 ? 0.563   -0.539  27.401  1.00 10.75 ? 9   ILE B CB  1 
ATOM   427 C CG1 . ILE B 2 11 ? -0.004  0.802   27.880  1.00 8.53  ? 9   ILE B CG1 1 
ATOM   428 C CG2 . ILE B 2 11 ? 1.853   -0.352  26.586  1.00 5.54  ? 9   ILE B CG2 1 
ATOM   429 C CD1 . ILE B 2 11 ? -0.206  1.815   26.777  1.00 13.10 ? 9   ILE B CD1 1 
ATOM   430 N N   . PRO B 2 12 ? 0.518   -3.546  26.316  1.00 8.95  ? 10  PRO B N   1 
ATOM   431 C CA  . PRO B 2 12 ? 1.152   -4.538  25.436  1.00 6.79  ? 10  PRO B CA  1 
ATOM   432 C C   . PRO B 2 12 ? 0.183   -5.119  24.411  1.00 6.93  ? 10  PRO B C   1 
ATOM   433 O O   . PRO B 2 12 ? 0.595   -5.533  23.327  1.00 7.00  ? 10  PRO B O   1 
ATOM   434 C CB  . PRO B 2 12 ? 1.616   -5.632  26.405  1.00 8.48  ? 10  PRO B CB  1 
ATOM   435 C CG  . PRO B 2 12 ? 1.691   -4.939  27.765  1.00 11.33 ? 10  PRO B CG  1 
ATOM   436 C CD  . PRO B 2 12 ? 0.553   -3.959  27.733  1.00 7.88  ? 10  PRO B CD  1 
ATOM   437 N N   . GLU B 2 13 ? -1.097  -5.151  24.737  1.00 7.85  ? 11  GLU B N   1 
ATOM   438 C CA  . GLU B 2 13 ? -2.068  -5.611  23.757  1.00 8.20  ? 11  GLU B CA  1 
ATOM   439 C C   . GLU B 2 13 ? -2.163  -4.605  22.618  1.00 6.59  ? 11  GLU B C   1 
ATOM   440 O O   . GLU B 2 13 ? -2.162  -4.990  21.455  1.00 8.54  ? 11  GLU B O   1 
ATOM   441 C CB  . GLU B 2 13 ? -3.431  -5.833  24.395  1.00 7.09  ? 11  GLU B CB  1 
ATOM   442 C CG  . GLU B 2 13 ? -3.497  -7.052  25.285  1.00 7.87  ? 11  GLU B CG  1 
ATOM   443 C CD  . GLU B 2 13 ? -4.756  -7.058  26.130  1.00 12.65 ? 11  GLU B CD  1 
ATOM   444 O OE1 . GLU B 2 13 ? -5.014  -6.040  26.818  1.00 11.24 ? 11  GLU B OE1 1 
ATOM   445 O OE2 . GLU B 2 13 ? -5.494  -8.066  26.090  1.00 13.93 ? 11  GLU B OE2 1 
ATOM   446 N N   . LEU B 2 14 ? -2.209  -3.321  22.959  1.00 4.72  ? 12  LEU B N   1 
ATOM   447 C CA  . LEU B 2 14 ? -2.296  -2.267  21.951  1.00 6.78  ? 12  LEU B CA  1 
ATOM   448 C C   . LEU B 2 14 ? -1.043  -2.201  21.077  1.00 7.22  ? 12  LEU B C   1 
ATOM   449 O O   . LEU B 2 14 ? -1.138  -1.963  19.883  1.00 6.50  ? 12  LEU B O   1 
ATOM   450 C CB  . LEU B 2 14 ? -2.594  -0.908  22.587  1.00 4.34  ? 12  LEU B CB  1 
ATOM   451 C CG  . LEU B 2 14 ? -3.960  -0.787  23.274  1.00 6.04  ? 12  LEU B CG  1 
ATOM   452 C CD1 . LEU B 2 14 ? -4.123  0.572   23.945  1.00 5.03  ? 12  LEU B CD1 1 
ATOM   453 C CD2 . LEU B 2 14 ? -5.100  -1.032  22.283  1.00 7.72  ? 12  LEU B CD2 1 
ATOM   454 N N   . GLN B 2 15 ? 0.127   -2.423  21.674  1.00 7.09  ? 13  GLN B N   1 
ATOM   455 C CA  . GLN B 2 15 ? 1.365   -2.479  20.912  1.00 7.90  ? 13  GLN B CA  1 
ATOM   456 C C   . GLN B 2 15 ? 1.336   -3.624  19.915  1.00 7.48  ? 13  GLN B C   1 
ATOM   457 O O   . GLN B 2 15 ? 1.766   -3.470  18.775  1.00 5.07  ? 13  GLN B O   1 
ATOM   458 C CB  . GLN B 2 15 ? 2.579   -2.632  21.829  1.00 5.18  ? 13  GLN B CB  1 
ATOM   459 C CG  . GLN B 2 15 ? 2.991   -1.340  22.506  1.00 5.77  ? 13  GLN B CG  1 
ATOM   460 C CD  . GLN B 2 15 ? 3.843   -1.593  23.740  1.00 8.32  ? 13  GLN B CD  1 
ATOM   461 O OE1 . GLN B 2 15 ? 3.630   -2.571  24.460  1.00 9.53  ? 13  GLN B OE1 1 
ATOM   462 N NE2 . GLN B 2 15 ? 4.822   -0.725  23.981  1.00 8.07  ? 13  GLN B NE2 1 
ATOM   463 N N   . ASN B 2 16 ? 0.818   -4.767  20.349  1.00 6.18  ? 14  ASN B N   1 
ATOM   464 C CA  . ASN B 2 16 ? 0.727   -5.925  19.477  1.00 8.98  ? 14  ASN B CA  1 
ATOM   465 C C   . ASN B 2 16 ? -0.205  -5.682  18.283  1.00 8.59  ? 14  ASN B C   1 
ATOM   466 O O   . ASN B 2 16 ? 0.095   -6.102  17.169  1.00 8.85  ? 14  ASN B O   1 
ATOM   467 C CB  . ASN B 2 16 ? 0.327   -7.170  20.276  1.00 12.30 ? 14  ASN B CB  1 
ATOM   468 C CG  . ASN B 2 16 ? 0.115   -8.390  19.394  1.00 18.86 ? 14  ASN B CG  1 
ATOM   469 O OD1 . ASN B 2 16 ? -1.008  -8.899  19.281  1.00 18.65 ? 14  ASN B OD1 1 
ATOM   470 N ND2 . ASN B 2 16 ? 1.187   -8.857  18.747  1.00 19.37 ? 14  ASN B ND2 1 
ATOM   471 N N   . PHE B 2 17 ? -1.312  -4.984  18.519  1.00 8.13  ? 15  PHE B N   1 
ATOM   472 C CA  . PHE B 2 17 ? -2.241  -4.628  17.450  1.00 9.34  ? 15  PHE B CA  1 
ATOM   473 C C   . PHE B 2 17 ? -1.530  -3.747  16.428  1.00 10.70 ? 15  PHE B C   1 
ATOM   474 O O   . PHE B 2 17 ? -1.789  -3.855  15.227  1.00 6.65  ? 15  PHE B O   1 
ATOM   475 C CB  . PHE B 2 17 ? -3.467  -3.876  17.986  1.00 6.88  ? 15  PHE B CB  1 
ATOM   476 C CG  . PHE B 2 17 ? -4.349  -4.695  18.903  1.00 13.24 ? 15  PHE B CG  1 
ATOM   477 C CD1 . PHE B 2 17 ? -4.372  -6.078  18.827  1.00 15.67 ? 15  PHE B CD1 1 
ATOM   478 C CD2 . PHE B 2 17 ? -5.175  -4.066  19.835  1.00 13.06 ? 15  PHE B CD2 1 
ATOM   479 C CE1 . PHE B 2 17 ? -5.197  -6.824  19.672  1.00 20.04 ? 15  PHE B CE1 1 
ATOM   480 C CE2 . PHE B 2 17 ? -6.005  -4.802  20.687  1.00 10.94 ? 15  PHE B CE2 1 
ATOM   481 C CZ  . PHE B 2 17 ? -6.016  -6.177  20.603  1.00 16.11 ? 15  PHE B CZ  1 
ATOM   482 N N   . LEU B 2 18 ? -0.642  -2.875  16.908  1.00 7.12  ? 16  LEU B N   1 
ATOM   483 C CA  . LEU B 2 18 ? 0.120   -2.007  16.013  1.00 9.17  ? 16  LEU B CA  1 
ATOM   484 C C   . LEU B 2 18 ? 1.083   -2.816  15.146  1.00 8.53  ? 16  LEU B C   1 
ATOM   485 O O   . LEU B 2 18 ? 1.249   -2.540  13.956  1.00 7.52  ? 16  LEU B O   1 
ATOM   486 C CB  . LEU B 2 18 ? 0.865   -0.932  16.791  1.00 6.87  ? 16  LEU B CB  1 
ATOM   487 C CG  . LEU B 2 18 ? -0.062  0.116   17.412  1.00 6.46  ? 16  LEU B CG  1 
ATOM   488 C CD1 . LEU B 2 18 ? 0.727   1.058   18.316  1.00 3.10  ? 16  LEU B CD1 1 
ATOM   489 C CD2 . LEU B 2 18 ? -0.779  0.887   16.296  1.00 8.06  ? 16  LEU B CD2 1 
ATOM   490 N N   . THR B 2 19 ? 1.694   -3.830  15.739  1.00 6.18  ? 17  THR B N   1 
ATOM   491 C CA  . THR B 2 19 ? 2.603   -4.686  14.989  1.00 9.83  ? 17  THR B CA  1 
ATOM   492 C C   . THR B 2 19 ? 1.828   -5.462  13.924  1.00 9.21  ? 17  THR B C   1 
ATOM   493 O O   . THR B 2 19 ? 2.271   -5.575  12.774  1.00 7.98  ? 17  THR B O   1 
ATOM   494 C CB  . THR B 2 19 ? 3.357   -5.650  15.914  1.00 9.03  ? 17  THR B CB  1 
ATOM   495 O OG1 . THR B 2 19 ? 3.860   -4.915  17.029  1.00 16.04 ? 17  THR B OG1 1 
ATOM   496 C CG2 . THR B 2 19 ? 4.526   -6.291  15.179  1.00 14.81 ? 17  THR B CG2 1 
ATOM   497 N N   . ILE B 2 20 ? 0.658   -5.963  14.310  1.00 7.01  ? 18  ILE B N   1 
ATOM   498 C CA  . ILE B 2 20 ? -0.244  -6.631  13.378  1.00 8.43  ? 18  ILE B CA  1 
ATOM   499 C C   . ILE B 2 20 ? -0.660  -5.735  12.194  1.00 9.21  ? 18  ILE B C   1 
ATOM   500 O O   . ILE B 2 20 ? -0.593  -6.162  11.044  1.00 8.43  ? 18  ILE B O   1 
ATOM   501 C CB  . ILE B 2 20 ? -1.479  -7.192  14.093  1.00 7.21  ? 18  ILE B CB  1 
ATOM   502 C CG1 . ILE B 2 20 ? -1.071  -8.341  15.026  1.00 8.65  ? 18  ILE B CG1 1 
ATOM   503 C CG2 . ILE B 2 20 ? -2.498  -7.684  13.070  1.00 9.88  ? 18  ILE B CG2 1 
ATOM   504 C CD1 . ILE B 2 20 ? -2.189  -8.843  15.915  1.00 5.01  ? 18  ILE B CD1 1 
ATOM   505 N N   . LEU B 2 21 ? -1.064  -4.502  12.480  1.00 5.51  ? 19  LEU B N   1 
ATOM   506 C CA  . LEU B 2 21 ? -1.434  -3.560  11.436  1.00 8.81  ? 19  LEU B CA  1 
ATOM   507 C C   . LEU B 2 21 ? -0.245  -3.213  10.532  1.00 10.84 ? 19  LEU B C   1 
ATOM   508 O O   . LEU B 2 21 ? -0.401  -3.066  9.327   1.00 9.22  ? 19  LEU B O   1 
ATOM   509 C CB  . LEU B 2 21 ? -2.051  -2.285  12.030  1.00 7.97  ? 19  LEU B CB  1 
ATOM   510 C CG  . LEU B 2 21 ? -3.489  -2.331  12.584  1.00 13.53 ? 19  LEU B CG  1 
ATOM   511 C CD1 . LEU B 2 21 ? -3.823  -1.063  13.369  1.00 8.79  ? 19  LEU B CD1 1 
ATOM   512 C CD2 . LEU B 2 21 ? -4.514  -2.542  11.471  1.00 12.57 ? 19  LEU B CD2 1 
ATOM   513 N N   . GLU B 2 22 ? 0.942   -3.089  11.112  1.00 10.21 ? 20  GLU B N   1 
ATOM   514 C CA  . GLU B 2 22 ? 2.128   -2.778  10.328  1.00 10.91 ? 20  GLU B CA  1 
ATOM   515 C C   . GLU B 2 22 ? 2.429   -3.909  9.343   1.00 13.90 ? 20  GLU B C   1 
ATOM   516 O O   . GLU B 2 22 ? 2.823   -3.661  8.202   1.00 12.45 ? 20  GLU B O   1 
ATOM   517 C CB  . GLU B 2 22 ? 3.331   -2.540  11.249  1.00 13.93 ? 20  GLU B CB  1 
ATOM   518 C CG  . GLU B 2 22 ? 4.669   -2.482  10.522  1.00 19.49 ? 20  GLU B CG  1 
ATOM   519 C CD  . GLU B 2 22 ? 5.848   -2.213  11.454  1.00 42.47 ? 20  GLU B CD  1 
ATOM   520 O OE1 . GLU B 2 22 ? 5.727   -2.486  12.671  1.00 42.53 ? 20  GLU B OE1 1 
ATOM   521 O OE2 . GLU B 2 22 ? 6.895   -1.727  10.967  1.00 39.88 ? 20  GLU B OE2 1 
ATOM   522 N N   . LYS B 2 23 ? 2.235   -5.148  9.795   1.00 13.42 ? 21  LYS B N   1 
ATOM   523 C CA  . LYS B 2 23 ? 2.467   -6.325  8.966   1.00 14.99 ? 21  LYS B CA  1 
ATOM   524 C C   . LYS B 2 23 ? 1.414   -6.418  7.856   1.00 14.34 ? 21  LYS B C   1 
ATOM   525 O O   . LYS B 2 23 ? 1.734   -6.777  6.718   1.00 12.54 ? 21  LYS B O   1 
ATOM   526 C CB  . LYS B 2 23 ? 2.493   -7.599  9.828   1.00 16.83 ? 21  LYS B CB  1 
ATOM   527 C CG  . LYS B 2 23 ? 2.656   -8.919  9.048   1.00 29.21 ? 21  LYS B CG  1 
ATOM   528 C CD  . LYS B 2 23 ? 4.038   -9.030  8.390   1.00 33.22 ? 21  LYS B CD  1 
ATOM   529 C CE  . LYS B 2 23 ? 4.164   -10.274 7.497   1.00 39.68 ? 21  LYS B CE  1 
ATOM   530 N NZ  . LYS B 2 23 ? 4.495   -11.531 8.229   1.00 47.15 ? 21  LYS B NZ  1 
ATOM   531 N N   . GLU B 2 24 ? 0.174   -6.061  8.182   1.00 9.19  ? 22  GLU B N   1 
ATOM   532 C CA  . GLU B 2 24 ? -0.892  -6.066  7.185   1.00 14.09 ? 22  GLU B CA  1 
ATOM   533 C C   . GLU B 2 24 ? -0.654  -4.992  6.120   1.00 12.44 ? 22  GLU B C   1 
ATOM   534 O O   . GLU B 2 24 ? -0.892  -5.224  4.938   1.00 9.45  ? 22  GLU B O   1 
ATOM   535 C CB  . GLU B 2 24 ? -2.256  -5.856  7.829   1.00 10.44 ? 22  GLU B CB  1 
ATOM   536 C CG  . GLU B 2 24 ? -2.639  -6.914  8.826   1.00 19.96 ? 22  GLU B CG  1 
ATOM   537 C CD  . GLU B 2 24 ? -3.947  -6.592  9.525   1.00 24.10 ? 22  GLU B CD  1 
ATOM   538 O OE1 . GLU B 2 24 ? -4.654  -7.539  9.909   1.00 21.87 ? 22  GLU B OE1 1 
ATOM   539 O OE2 . GLU B 2 24 ? -4.272  -5.394  9.687   1.00 28.91 ? 22  GLU B OE2 1 
ATOM   540 N N   . GLU B 2 25 ? -0.177  -3.826  6.550   1.00 9.64  ? 23  GLU B N   1 
ATOM   541 C CA  . GLU B 2 25 ? 0.107   -2.734  5.630   1.00 14.00 ? 23  GLU B CA  1 
ATOM   542 C C   . GLU B 2 25 ? 1.251   -3.066  4.661   1.00 12.36 ? 23  GLU B C   1 
ATOM   543 O O   . GLU B 2 25 ? 1.177   -2.748  3.469   1.00 11.16 ? 23  GLU B O   1 
ATOM   544 C CB  . GLU B 2 25 ? 0.420   -1.450  6.383   1.00 9.92  ? 23  GLU B CB  1 
ATOM   545 C CG  . GLU B 2 25 ? 0.713   -0.282  5.472   1.00 10.77 ? 23  GLU B CG  1 
ATOM   546 C CD  . GLU B 2 25 ? 0.989   0.971   6.247   1.00 13.20 ? 23  GLU B CD  1 
ATOM   547 O OE1 . GLU B 2 25 ? 1.118   0.865   7.481   1.00 11.16 ? 23  GLU B OE1 1 
ATOM   548 O OE2 . GLU B 2 25 ? 1.076   2.057   5.634   1.00 22.41 ? 23  GLU B OE2 1 
ATOM   549 N N   . GLN B 2 26 ? 2.292   -3.713  5.163   1.00 8.68  ? 24  GLN B N   1 
ATOM   550 C CA  . GLN B 2 26 ? 3.381   -4.130  4.284   1.00 14.67 ? 24  GLN B CA  1 
ATOM   551 C C   . GLN B 2 26 ? 2.907   -5.192  3.293   1.00 13.23 ? 24  GLN B C   1 
ATOM   552 O O   . GLN B 2 26 ? 3.242   -5.137  2.119   1.00 14.88 ? 24  GLN B O   1 
ATOM   553 C CB  . GLN B 2 26 ? 4.592   -4.629  5.084   1.00 11.96 ? 24  GLN B CB  1 
ATOM   554 C CG  . GLN B 2 26 ? 5.229   -3.556  5.959   1.00 20.84 ? 24  GLN B CG  1 
ATOM   555 C CD  . GLN B 2 26 ? 6.432   -4.058  6.759   1.00 34.72 ? 24  GLN B CD  1 
ATOM   556 O OE1 . GLN B 2 26 ? 7.009   -5.110  6.457   1.00 36.36 ? 24  GLN B OE1 1 
ATOM   557 N NE2 . GLN B 2 26 ? 6.819   -3.296  7.778   1.00 30.13 ? 24  GLN B NE2 1 
ATOM   558 N N   . ASP B 2 27 ? 2.125   -6.155  3.770   1.00 13.11 ? 25  ASP B N   1 
ATOM   559 C CA  . ASP B 2 27 ? 1.604   -7.201  2.899   1.00 15.63 ? 25  ASP B CA  1 
ATOM   560 C C   . ASP B 2 27 ? 0.784   -6.569  1.791   1.00 14.33 ? 25  ASP B C   1 
ATOM   561 O O   . ASP B 2 27 ? 0.916   -6.949  0.632   1.00 14.04 ? 25  ASP B O   1 
ATOM   562 C CB  . ASP B 2 27 ? 0.746   -8.208  3.677   1.00 14.10 ? 25  ASP B CB  1 
ATOM   563 C CG  . ASP B 2 27 ? 1.573   -9.321  4.314   1.00 35.05 ? 25  ASP B CG  1 
ATOM   564 O OD1 . ASP B 2 27 ? 2.782   -9.114  4.586   1.00 32.03 ? 25  ASP B OD1 1 
ATOM   565 O OD2 . ASP B 2 27 ? 1.005   -10.413 4.553   1.00 51.19 ? 25  ASP B OD2 1 
ATOM   566 N N   . LYS B 2 28 ? -0.044  -5.592  2.151   1.00 10.17 ? 26  LYS B N   1 
ATOM   567 C CA  . LYS B 2 28 ? -0.883  -4.904  1.180   1.00 12.12 ? 26  LYS B CA  1 
ATOM   568 C C   . LYS B 2 28 ? -0.038  -4.174  0.124   1.00 11.34 ? 26  LYS B C   1 
ATOM   569 O O   . LYS B 2 28 ? -0.331  -4.215  -1.071  1.00 7.40  ? 26  LYS B O   1 
ATOM   570 C CB  . LYS B 2 28 ? -1.823  -3.941  1.902   1.00 16.19 ? 26  LYS B CB  1 
ATOM   571 C CG  . LYS B 2 28 ? -2.806  -3.246  0.992   1.00 18.99 ? 26  LYS B CG  1 
ATOM   572 C CD  . LYS B 2 28 ? -3.666  -4.249  0.232   1.00 27.22 ? 26  LYS B CD  1 
ATOM   573 C CE  . LYS B 2 28 ? -4.558  -3.542  -0.787  1.00 28.73 ? 26  LYS B CE  1 
ATOM   574 N NZ  . LYS B 2 28 ? -5.416  -4.504  -1.529  1.00 42.59 ? 26  LYS B NZ  1 
ATOM   575 N N   . ILE B 2 29 ? 1.036   -3.541  0.575   1.00 11.63 ? 27  ILE B N   1 
ATOM   576 C CA  . ILE B 2 29 ? 1.910   -2.826  -0.333  1.00 12.62 ? 27  ILE B CA  1 
ATOM   577 C C   . ILE B 2 29 ? 2.625   -3.816  -1.255  1.00 14.53 ? 27  ILE B C   1 
ATOM   578 O O   . ILE B 2 29 ? 2.830   -3.538  -2.443  1.00 8.73  ? 27  ILE B O   1 
ATOM   579 C CB  . ILE B 2 29 ? 2.907   -1.933  0.417   1.00 7.99  ? 27  ILE B CB  1 
ATOM   580 C CG1 . ILE B 2 29 ? 2.149   -0.791  1.089   1.00 9.15  ? 27  ILE B CG1 1 
ATOM   581 C CG2 . ILE B 2 29 ? 3.994   -1.402  -0.543  1.00 6.29  ? 27  ILE B CG2 1 
ATOM   582 C CD1 . ILE B 2 29 ? 3.008   0.074   1.989   1.00 12.82 ? 27  ILE B CD1 1 
ATOM   583 N N   . GLN B 2 30 ? 2.971   -4.977  -0.710  1.00 12.26 ? 28  GLN B N   1 
ATOM   584 C CA  . GLN B 2 30 ? 3.564   -6.044  -1.508  1.00 16.09 ? 28  GLN B CA  1 
ATOM   585 C C   . GLN B 2 30 ? 2.612   -6.508  -2.610  1.00 12.07 ? 28  GLN B C   1 
ATOM   586 O O   . GLN B 2 30 ? 3.024   -6.613  -3.760  1.00 14.17 ? 28  GLN B O   1 
ATOM   587 C CB  . GLN B 2 30 ? 4.001   -7.216  -0.624  1.00 15.12 ? 28  GLN B CB  1 
ATOM   588 C CG  . GLN B 2 30 ? 4.874   -8.230  -1.343  1.00 28.63 ? 28  GLN B CG  1 
ATOM   589 C CD  . GLN B 2 30 ? 5.937   -8.847  -0.438  1.00 43.05 ? 28  GLN B CD  1 
ATOM   590 O OE1 . GLN B 2 30 ? 5.804   -8.851  0.793   1.00 39.20 ? 28  GLN B OE1 1 
ATOM   591 N NE2 . GLN B 2 30 ? 7.004   -9.364  -1.047  1.00 37.28 ? 28  GLN B NE2 1 
ATOM   592 N N   . GLN B 2 31 ? 1.347   -6.749  -2.258  1.00 7.95  ? 29  GLN B N   1 
ATOM   593 C CA  . GLN B 2 31 ? 0.327   -7.140  -3.232  1.00 15.39 ? 29  GLN B CA  1 
ATOM   594 C C   . GLN B 2 31 ? 0.350   -6.146  -4.379  1.00 15.64 ? 29  GLN B C   1 
ATOM   595 O O   . GLN B 2 31 ? 0.289   -6.535  -5.545  1.00 13.57 ? 29  GLN B O   1 
ATOM   596 C CB  . GLN B 2 31 ? -1.093  -7.133  -2.628  1.00 14.15 ? 29  GLN B CB  1 
ATOM   597 C CG  . GLN B 2 31 ? -1.409  -8.245  -1.625  1.00 18.34 ? 29  GLN B CG  1 
ATOM   598 C CD  . GLN B 2 31 ? -2.682  -7.965  -0.797  1.00 17.16 ? 29  GLN B CD  1 
ATOM   599 O OE1 . GLN B 2 31 ? -3.659  -7.389  -1.290  1.00 24.40 ? 29  GLN B OE1 1 
ATOM   600 N NE2 . GLN B 2 31 ? -2.662  -8.371  0.467   1.00 18.09 ? 29  GLN B NE2 1 
ATOM   601 N N   . VAL B 2 32 ? 0.447   -4.863  -4.031  1.00 9.89  ? 30  VAL B N   1 
ATOM   602 C CA  . VAL B 2 32 ? 0.351   -3.788  -5.008  1.00 11.84 ? 30  VAL B CA  1 
ATOM   603 C C   . VAL B 2 32 ? 1.584   -3.701  -5.912  1.00 10.61 ? 30  VAL B C   1 
ATOM   604 O O   . VAL B 2 32 ? 1.462   -3.575  -7.128  1.00 9.58  ? 30  VAL B O   1 
ATOM   605 C CB  . VAL B 2 32 ? 0.072   -2.439  -4.327  1.00 9.27  ? 30  VAL B CB  1 
ATOM   606 C CG1 . VAL B 2 32 ? 0.170   -1.302  -5.317  1.00 6.43  ? 30  VAL B CG1 1 
ATOM   607 C CG2 . VAL B 2 32 ? -1.298  -2.473  -3.697  1.00 12.86 ? 30  VAL B CG2 1 
ATOM   608 N N   . GLN B 2 33 ? 2.763   -3.781  -5.316  1.00 9.73  ? 31  GLN B N   1 
ATOM   609 C CA  . GLN B 2 33 ? 3.985   -3.768  -6.093  1.00 13.20 ? 31  GLN B CA  1 
ATOM   610 C C   . GLN B 2 33 ? 3.983   -4.948  -7.061  1.00 13.10 ? 31  GLN B C   1 
ATOM   611 O O   . GLN B 2 33 ? 4.357   -4.797  -8.220  1.00 9.56  ? 31  GLN B O   1 
ATOM   612 C CB  . GLN B 2 33 ? 5.209   -3.773  -5.176  1.00 12.51 ? 31  GLN B CB  1 
ATOM   613 C CG  . GLN B 2 33 ? 5.339   -2.494  -4.327  1.00 15.03 ? 31  GLN B CG  1 
ATOM   614 C CD  . GLN B 2 33 ? 6.419   -2.576  -3.235  1.00 12.50 ? 31  GLN B CD  1 
ATOM   615 O OE1 . GLN B 2 33 ? 6.687   -3.640  -2.680  1.00 12.01 ? 31  GLN B OE1 1 
ATOM   616 N NE2 . GLN B 2 33 ? 7.025   -1.440  -2.924  1.00 11.04 ? 31  GLN B NE2 1 
ATOM   617 N N   . LYS B 2 34 ? 3.515   -6.104  -6.593  1.00 12.09 ? 32  LYS B N   1 
ATOM   618 C CA  . LYS B 2 34 ? 3.414   -7.297  -7.434  1.00 14.03 ? 32  LYS B CA  1 
ATOM   619 C C   . LYS B 2 34 ? 2.442   -7.133  -8.618  1.00 17.25 ? 32  LYS B C   1 
ATOM   620 O O   . LYS B 2 34 ? 2.745   -7.544  -9.746  1.00 12.24 ? 32  LYS B O   1 
ATOM   621 C CB  . LYS B 2 34 ? 3.020   -8.529  -6.609  1.00 13.72 ? 32  LYS B CB  1 
ATOM   622 C CG  . LYS B 2 34 ? 2.532   -9.700  -7.471  1.00 17.95 ? 32  LYS B CG  1 
ATOM   623 C CD  . LYS B 2 34 ? 2.562   -11.034 -6.734  1.00 29.41 ? 32  LYS B CD  1 
ATOM   624 C CE  . LYS B 2 34 ? 2.193   -12.186 -7.673  1.00 29.61 ? 32  LYS B CE  1 
ATOM   625 N NZ  . LYS B 2 34 ? 2.411   -13.515 -7.021  1.00 35.23 ? 32  LYS B NZ  1 
ATOM   626 N N   . LYS B 2 35 ? 1.275   -6.553  -8.351  1.00 9.93  ? 33  LYS B N   1 
ATOM   627 C CA  . LYS B 2 35 ? 0.288   -6.297  -9.391  1.00 14.90 ? 33  LYS B CA  1 
ATOM   628 C C   . LYS B 2 35 ? 0.876   -5.402  -10.495 1.00 16.51 ? 33  LYS B C   1 
ATOM   629 O O   . LYS B 2 35 ? 0.663   -5.634  -11.694 1.00 11.85 ? 33  LYS B O   1 
ATOM   630 C CB  . LYS B 2 35 ? -0.974  -5.669  -8.779  1.00 13.31 ? 33  LYS B CB  1 
ATOM   631 C CG  . LYS B 2 35 ? -2.056  -5.233  -9.779  1.00 16.33 ? 33  LYS B CG  1 
ATOM   632 C CD  . LYS B 2 35 ? -3.310  -4.662  -9.068  1.00 10.90 ? 33  LYS B CD  1 
ATOM   633 C CE  . LYS B 2 35 ? -3.104  -3.234  -8.547  1.00 16.77 ? 33  LYS B CE  1 
ATOM   634 N NZ  . LYS B 2 35 ? -4.343  -2.654  -7.927  1.00 15.47 ? 33  LYS B NZ  1 
ATOM   635 N N   . TYR B 2 36 ? 1.621   -4.379  -10.093 1.00 10.75 ? 34  TYR B N   1 
ATOM   636 C CA  . TYR B 2 36 ? 2.179   -3.454  -11.069 1.00 13.50 ? 34  TYR B CA  1 
ATOM   637 C C   . TYR B 2 36 ? 3.335   -4.091  -11.811 1.00 17.36 ? 34  TYR B C   1 
ATOM   638 O O   . TYR B 2 36 ? 3.571   -3.795  -12.982 1.00 14.67 ? 34  TYR B O   1 
ATOM   639 C CB  . TYR B 2 36 ? 2.586   -2.125  -10.433 1.00 8.37  ? 34  TYR B CB  1 
ATOM   640 C CG  . TYR B 2 36 ? 1.415   -1.173  -10.303 1.00 11.03 ? 34  TYR B CG  1 
ATOM   641 C CD1 . TYR B 2 36 ? 0.592   -1.205  -9.186  1.00 10.14 ? 34  TYR B CD1 1 
ATOM   642 C CD2 . TYR B 2 36 ? 1.119   -0.266  -11.311 1.00 9.43  ? 34  TYR B CD2 1 
ATOM   643 C CE1 . TYR B 2 36 ? -0.482  -0.359  -9.071  1.00 11.46 ? 34  TYR B CE1 1 
ATOM   644 C CE2 . TYR B 2 36 ? 0.057   0.589   -11.205 1.00 9.89  ? 34  TYR B CE2 1 
ATOM   645 C CZ  . TYR B 2 36 ? -0.746  0.538   -10.078 1.00 14.53 ? 34  TYR B CZ  1 
ATOM   646 O OH  . TYR B 2 36 ? -1.811  1.394   -9.954  1.00 11.08 ? 34  TYR B OH  1 
ATOM   647 N N   . ASP B 2 37 ? 4.034   -4.997  -11.142 1.00 17.14 ? 35  ASP B N   1 
ATOM   648 C CA  . ASP B 2 37 ? 5.129   -5.683  -11.793 1.00 20.65 ? 35  ASP B CA  1 
ATOM   649 C C   . ASP B 2 37 ? 4.621   -6.569  -12.927 1.00 20.34 ? 35  ASP B C   1 
ATOM   650 O O   . ASP B 2 37 ? 5.278   -6.689  -13.956 1.00 19.09 ? 35  ASP B O   1 
ATOM   651 C CB  . ASP B 2 37 ? 5.967   -6.494  -10.804 1.00 24.64 ? 35  ASP B CB  1 
ATOM   652 C CG  . ASP B 2 37 ? 7.342   -6.822  -11.357 1.00 35.49 ? 35  ASP B CG  1 
ATOM   653 O OD1 . ASP B 2 37 ? 7.763   -7.998  -11.262 1.00 44.16 ? 35  ASP B OD1 1 
ATOM   654 O OD2 . ASP B 2 37 ? 7.998   -5.898  -11.897 1.00 34.61 ? 35  ASP B OD2 1 
ATOM   655 N N   . LYS B 2 38 ? 3.453   -7.175  -12.759 1.00 15.15 ? 36  LYS B N   1 
ATOM   656 C CA  . LYS B 2 38 ? 2.918   -7.988  -13.848 1.00 20.54 ? 36  LYS B CA  1 
ATOM   657 C C   . LYS B 2 38 ? 2.416   -7.157  -15.033 1.00 21.51 ? 36  LYS B C   1 
ATOM   658 O O   . LYS B 2 38 ? 2.634   -7.538  -16.179 1.00 22.91 ? 36  LYS B O   1 
ATOM   659 C CB  . LYS B 2 38 ? 1.866   -9.002  -13.380 1.00 18.80 ? 36  LYS B CB  1 
ATOM   660 C CG  . LYS B 2 38 ? 0.824   -8.471  -12.443 1.00 21.71 ? 36  LYS B CG  1 
ATOM   661 C CD  . LYS B 2 38 ? -0.183  -9.560  -12.061 1.00 37.68 ? 36  LYS B CD  1 
ATOM   662 C CE  . LYS B 2 38 ? -1.443  -8.960  -11.433 1.00 32.11 ? 36  LYS B CE  1 
ATOM   663 N NZ  . LYS B 2 38 ? -2.109  -7.991  -12.359 1.00 25.04 ? 36  LYS B NZ  1 
ATOM   664 N N   . PHE B 2 39 ? 1.755   -6.034  -14.760 1.00 16.12 ? 37  PHE B N   1 
ATOM   665 C CA  . PHE B 2 39 ? 1.399   -5.092  -15.818 1.00 14.48 ? 37  PHE B CA  1 
ATOM   666 C C   . PHE B 2 39 ? 2.656   -4.679  -16.591 1.00 20.84 ? 37  PHE B C   1 
ATOM   667 O O   . PHE B 2 39 ? 2.635   -4.597  -17.820 1.00 19.76 ? 37  PHE B O   1 
ATOM   668 C CB  . PHE B 2 39 ? 0.738   -3.832  -15.250 1.00 10.63 ? 37  PHE B CB  1 
ATOM   669 C CG  . PHE B 2 39 ? -0.571  -4.083  -14.554 1.00 15.16 ? 37  PHE B CG  1 
ATOM   670 C CD1 . PHE B 2 39 ? -1.319  -5.223  -14.825 1.00 22.01 ? 37  PHE B CD1 1 
ATOM   671 C CD2 . PHE B 2 39 ? -1.057  -3.175  -13.629 1.00 15.35 ? 37  PHE B CD2 1 
ATOM   672 C CE1 . PHE B 2 39 ? -2.533  -5.457  -14.182 1.00 17.91 ? 37  PHE B CE1 1 
ATOM   673 C CE2 . PHE B 2 39 ? -2.267  -3.404  -12.980 1.00 18.81 ? 37  PHE B CE2 1 
ATOM   674 C CZ  . PHE B 2 39 ? -3.004  -4.551  -13.260 1.00 13.31 ? 37  PHE B CZ  1 
ATOM   675 N N   . ARG B 2 40 ? 3.742   -4.416  -15.862 1.00 14.64 ? 38  ARG B N   1 
ATOM   676 C CA  . ARG B 2 40 ? 4.967   -3.907  -16.461 1.00 18.26 ? 38  ARG B CA  1 
ATOM   677 C C   . ARG B 2 40 ? 5.616   -4.919  -17.395 1.00 23.13 ? 38  ARG B C   1 
ATOM   678 O O   . ARG B 2 40 ? 6.101   -4.563  -18.475 1.00 18.33 ? 38  ARG B O   1 
ATOM   679 C CB  . ARG B 2 40 ? 5.972   -3.477  -15.390 1.00 14.22 ? 38  ARG B CB  1 
ATOM   680 C CG  . ARG B 2 40 ? 7.387   -3.248  -15.937 1.00 15.96 ? 38  ARG B CG  1 
ATOM   681 C CD  . ARG B 2 40 ? 8.342   -2.701  -14.885 1.00 19.19 ? 38  ARG B CD  1 
ATOM   682 N NE  . ARG B 2 40 ? 8.012   -1.332  -14.484 1.00 21.77 ? 38  ARG B NE  1 
ATOM   683 C CZ  . ARG B 2 40 ? 7.307   -1.017  -13.401 1.00 22.55 ? 38  ARG B CZ  1 
ATOM   684 N NH1 . ARG B 2 40 ? 6.852   -1.978  -12.593 1.00 15.04 ? 38  ARG B NH1 1 
ATOM   685 N NH2 . ARG B 2 40 ? 7.055   0.261   -13.128 1.00 20.52 ? 38  ARG B NH2 1 
ATOM   686 N N   . GLN B 2 41 ? 5.631   -6.179  -16.975 1.00 20.14 ? 39  GLN B N   1 
ATOM   687 C CA  . GLN B 2 41 ? 6.283   -7.207  -17.769 1.00 28.52 ? 39  GLN B CA  1 
ATOM   688 C C   . GLN B 2 41 ? 5.549   -7.392  -19.111 1.00 26.00 ? 39  GLN B C   1 
ATOM   689 O O   . GLN B 2 41 ? 6.188   -7.479  -20.164 1.00 17.69 ? 39  GLN B O   1 
ATOM   690 C CB  . GLN B 2 41 ? 6.436   -8.517  -16.975 1.00 27.00 ? 39  GLN B CB  1 
ATOM   691 C CG  . GLN B 2 41 ? 7.217   -8.373  -15.629 1.00 31.64 ? 39  GLN B CG  1 
ATOM   692 C CD  . GLN B 2 41 ? 8.702   -7.991  -15.776 1.00 37.37 ? 39  GLN B CD  1 
ATOM   693 O OE1 . GLN B 2 41 ? 9.459   -8.653  -16.491 1.00 37.53 ? 39  GLN B OE1 1 
ATOM   694 N NE2 . GLN B 2 41 ? 9.120   -6.928  -15.076 1.00 22.71 ? 39  GLN B NE2 1 
ATOM   695 N N   . LYS B 2 42 ? 4.218   -7.406  -19.066 1.00 23.23 ? 40  LYS B N   1 
ATOM   696 C CA  . LYS B 2 42 ? 3.405   -7.493  -20.276 1.00 23.75 ? 40  LYS B CA  1 
ATOM   697 C C   . LYS B 2 42 ? 3.698   -6.308  -21.199 1.00 27.46 ? 40  LYS B C   1 
ATOM   698 O O   . LYS B 2 42 ? 3.858   -6.460  -22.413 1.00 28.25 ? 40  LYS B O   1 
ATOM   699 C CB  . LYS B 2 42 ? 1.923   -7.514  -19.911 1.00 22.05 ? 40  LYS B CB  1 
ATOM   700 C CG  . LYS B 2 42 ? 1.485   -8.720  -19.089 1.00 30.50 ? 40  LYS B CG  1 
ATOM   701 C CD  . LYS B 2 42 ? -0.013  -8.647  -18.774 1.00 37.56 ? 40  LYS B CD  1 
ATOM   702 C CE  . LYS B 2 42 ? -0.505  -9.899  -18.042 1.00 41.27 ? 40  LYS B CE  1 
ATOM   703 N NZ  . LYS B 2 42 ? -0.253  -11.169 -18.804 1.00 43.39 ? 40  LYS B NZ  1 
ATOM   704 N N   . LEU B 2 43 ? 3.776   -5.125  -20.606 1.00 19.24 ? 41  LEU B N   1 
ATOM   705 C CA  . LEU B 2 43 ? 4.091   -3.931  -21.362 1.00 23.29 ? 41  LEU B CA  1 
ATOM   706 C C   . LEU B 2 43 ? 5.493   -4.030  -21.979 1.00 24.44 ? 41  LEU B C   1 
ATOM   707 O O   . LEU B 2 43 ? 5.653   -3.831  -23.182 1.00 16.79 ? 41  LEU B O   1 
ATOM   708 C CB  . LEU B 2 43 ? 3.926   -2.680  -20.483 1.00 16.34 ? 41  LEU B CB  1 
ATOM   709 C CG  . LEU B 2 43 ? 2.473   -2.198  -20.310 1.00 22.66 ? 41  LEU B CG  1 
ATOM   710 C CD1 . LEU B 2 43 ? 2.326   -1.163  -19.203 1.00 14.84 ? 41  LEU B CD1 1 
ATOM   711 C CD2 . LEU B 2 43 ? 1.953   -1.629  -21.628 1.00 24.81 ? 41  LEU B CD2 1 
ATOM   712 N N   . GLU B 2 44 ? 6.491   -4.361  -21.158 1.00 22.63 ? 42  GLU B N   1 
ATOM   713 C CA  . GLU B 2 44 ? 7.883   -4.448  -21.604 1.00 19.31 ? 42  GLU B CA  1 
ATOM   714 C C   . GLU B 2 44 ? 8.060   -5.476  -22.708 1.00 25.04 ? 42  GLU B C   1 
ATOM   715 O O   . GLU B 2 44 ? 8.947   -5.340  -23.560 1.00 19.94 ? 42  GLU B O   1 
ATOM   716 C CB  . GLU B 2 44 ? 8.814   -4.777  -20.441 1.00 16.59 ? 42  GLU B CB  1 
ATOM   717 C CG  . GLU B 2 44 ? 9.109   -3.578  -19.576 1.00 23.20 ? 42  GLU B CG  1 
ATOM   718 C CD  . GLU B 2 44 ? 10.000  -3.899  -18.400 1.00 14.72 ? 42  GLU B CD  1 
ATOM   719 O OE1 . GLU B 2 44 ? 10.483  -2.944  -17.764 1.00 22.52 ? 42  GLU B OE1 1 
ATOM   720 O OE2 . GLU B 2 44 ? 10.209  -5.096  -18.104 1.00 19.12 ? 42  GLU B OE2 1 
ATOM   721 N N   . GLU B 2 45 ? 7.206   -6.495  -22.696 1.00 26.75 ? 43  GLU B N   1 
ATOM   722 C CA  . GLU B 2 45 ? 7.238   -7.516  -23.732 1.00 31.78 ? 43  GLU B CA  1 
ATOM   723 C C   . GLU B 2 45 ? 6.747   -6.928  -25.053 1.00 30.84 ? 43  GLU B C   1 
ATOM   724 O O   . GLU B 2 45 ? 7.418   -7.052  -26.086 1.00 27.56 ? 43  GLU B O   1 
ATOM   725 C CB  . GLU B 2 45 ? 6.393   -8.735  -23.342 1.00 28.01 ? 43  GLU B CB  1 
ATOM   726 C CG  . GLU B 2 45 ? 6.746   -9.982  -24.152 1.00 37.34 ? 43  GLU B CG  1 
ATOM   727 C CD  . GLU B 2 45 ? 5.840   -11.159 -23.867 1.00 40.87 ? 43  GLU B CD  1 
ATOM   728 O OE1 . GLU B 2 45 ? 4.607   -10.959 -23.807 1.00 41.17 ? 43  GLU B OE1 1 
ATOM   729 O OE2 . GLU B 2 45 ? 6.363   -12.285 -23.704 1.00 40.06 ? 43  GLU B OE2 1 
ATOM   730 N N   . ALA B 2 46 ? 5.578   -6.290  -25.006 1.00 27.52 ? 44  ALA B N   1 
ATOM   731 C CA  . ALA B 2 46 ? 4.994   -5.647  -26.179 1.00 24.93 ? 44  ALA B CA  1 
ATOM   732 C C   . ALA B 2 46 ? 5.954   -4.631  -26.792 1.00 27.33 ? 44  ALA B C   1 
ATOM   733 O O   . ALA B 2 46 ? 6.153   -4.620  -27.999 1.00 29.05 ? 44  ALA B O   1 
ATOM   734 C CB  . ALA B 2 46 ? 3.710   -4.984  -25.812 1.00 23.04 ? 44  ALA B CB  1 
ATOM   735 N N   . LEU B 2 47 ? 6.546   -3.789  -25.948 1.00 28.62 ? 45  LEU B N   1 
ATOM   736 C CA  . LEU B 2 47 ? 7.524   -2.788  -26.384 1.00 29.46 ? 45  LEU B CA  1 
ATOM   737 C C   . LEU B 2 47 ? 8.754   -3.413  -27.064 1.00 28.27 ? 45  LEU B C   1 
ATOM   738 O O   . LEU B 2 47 ? 9.123   -3.041  -28.183 1.00 24.01 ? 45  LEU B O   1 
ATOM   739 C CB  . LEU B 2 47 ? 7.990   -1.931  -25.201 1.00 16.67 ? 45  LEU B CB  1 
ATOM   740 C CG  . LEU B 2 47 ? 7.331   -0.587  -24.873 1.00 24.41 ? 45  LEU B CG  1 
ATOM   741 C CD1 . LEU B 2 47 ? 6.985   0.227   -26.130 1.00 26.77 ? 45  LEU B CD1 1 
ATOM   742 C CD2 . LEU B 2 47 ? 6.117   -0.765  -23.979 1.00 29.20 ? 45  LEU B CD2 1 
ATOM   743 N N   . ARG B 2 48 ? 9.395   -4.347  -26.366 1.00 32.06 ? 46  ARG B N   1 
ATOM   744 C CA  . ARG B 2 48 ? 10.567  -5.041  -26.895 1.00 33.44 ? 46  ARG B CA  1 
ATOM   745 C C   . ARG B 2 48 ? 10.148  -5.791  -28.148 1.00 34.11 ? 46  ARG B C   1 
ATOM   746 O O   . ARG B 2 48 ? 10.946  -5.953  -29.079 1.00 28.49 ? 46  ARG B O   1 
ATOM   747 C CB  . ARG B 2 48 ? 11.141  -6.001  -25.850 1.00 23.94 ? 46  ARG B CB  1 
ATOM   748 C CG  . ARG B 2 48 ? 12.300  -6.853  -26.337 1.00 22.52 ? 46  ARG B CG  1 
ATOM   749 C CD  . ARG B 2 48 ? 12.780  -7.803  -25.237 1.00 25.83 ? 46  ARG B CD  1 
ATOM   750 N NE  . ARG B 2 48 ? 11.766  -8.788  -24.868 1.00 33.93 ? 46  ARG B NE  1 
ATOM   751 C CZ  . ARG B 2 48 ? 10.984  -8.697  -23.797 1.00 30.01 ? 46  ARG B CZ  1 
ATOM   752 N NH1 . ARG B 2 48 ? 11.096  -7.663  -22.976 1.00 28.42 ? 46  ARG B NH1 1 
ATOM   753 N NH2 . ARG B 2 48 ? 10.091  -9.641  -23.550 1.00 29.29 ? 46  ARG B NH2 1 
ATOM   754 N N   . GLU B 2 49 ? 8.871   -6.202  -28.145 1.00 38.33 ? 47  GLU B N   1 
ATOM   755 C CA  . GLU B 2 49 ? 8.149   -6.849  -29.255 1.00 36.90 ? 47  GLU B CA  1 
ATOM   756 C C   . GLU B 2 49 ? 8.823   -8.084  -29.846 1.00 47.67 ? 47  GLU B C   1 
ATOM   757 O O   . GLU B 2 49 ? 9.738   -7.987  -30.669 1.00 51.25 ? 47  GLU B O   1 
ATOM   758 C CB  . GLU B 2 49 ? 7.704   -5.842  -30.345 1.00 30.92 ? 47  GLU B CB  1 
ATOM   759 C CG  . GLU B 2 49 ? 8.802   -5.052  -31.035 1.00 33.65 ? 47  GLU B CG  1 
ATOM   760 C CD  . GLU B 2 49 ? 8.274   -3.846  -31.786 1.00 43.77 ? 47  GLU B CD  1 
ATOM   761 O OE1 . GLU B 2 49 ? 7.244   -3.283  -31.349 1.00 37.11 ? 47  GLU B OE1 1 
ATOM   762 O OE2 . GLU B 2 49 ? 8.891   -3.464  -32.811 1.00 39.34 ? 47  GLU B OE2 1 
HETATM 763 O O   . HOH C 3 .  ? 0.383   4.295   7.420   1.00 19.10 ? 101 HOH A O   1 
HETATM 764 O O   . HOH C 3 .  ? 5.412   -0.105  -10.950 1.00 14.72 ? 102 HOH A O   1 
HETATM 765 O O   . HOH C 3 .  ? -9.192  5.612   20.683  1.00 14.97 ? 103 HOH A O   1 
HETATM 766 O O   . HOH C 3 .  ? 6.471   3.801   -14.423 1.00 9.86  ? 104 HOH A O   1 
HETATM 767 O O   . HOH C 3 .  ? 2.211   8.059   -18.817 1.00 8.79  ? 105 HOH A O   1 
HETATM 768 O O   . HOH C 3 .  ? 6.380   3.498   -1.728  1.00 16.57 ? 106 HOH A O   1 
HETATM 769 O O   . HOH C 3 .  ? -9.430  8.162   18.854  1.00 17.37 ? 107 HOH A O   1 
HETATM 770 O O   . HOH C 3 .  ? -10.362 3.605   9.696   1.00 24.62 ? 108 HOH A O   1 
HETATM 771 O O   . HOH C 3 .  ? -6.561  -1.423  0.495   1.00 39.70 ? 109 HOH A O   1 
HETATM 772 O O   . HOH C 3 .  ? -1.715  -0.132  -18.714 1.00 18.61 ? 110 HOH A O   1 
HETATM 773 O O   . HOH C 3 .  ? -6.061  -1.519  -10.776 1.00 22.41 ? 111 HOH A O   1 
HETATM 774 O O   . HOH C 3 .  ? -5.038  0.449   -11.210 1.00 21.71 ? 112 HOH A O   1 
HETATM 775 O O   . HOH D 3 .  ? -6.796  4.701   26.606  1.00 9.99  ? 101 HOH B O   1 
HETATM 776 O O   . HOH D 3 .  ? 1.452   -0.243  12.882  1.00 15.94 ? 102 HOH B O   1 
HETATM 777 O O   . HOH D 3 .  ? 11.450  -7.546  -17.431 1.00 18.99 ? 103 HOH B O   1 
HETATM 778 O O   . HOH D 3 .  ? -11.902 1.689   16.153  1.00 18.84 ? 104 HOH B O   1 
HETATM 779 O O   . HOH D 3 .  ? 6.876   1.265   -3.678  1.00 19.25 ? 105 HOH B O   1 
HETATM 780 O O   . HOH D 3 .  ? -6.525  -6.646  11.965  1.00 20.06 ? 106 HOH B O   1 
HETATM 781 O O   . HOH D 3 .  ? -11.581 3.897   24.162  1.00 22.51 ? 107 HOH B O   1 
HETATM 782 O O   . HOH D 3 .  ? -7.108  -5.509  13.973  1.00 21.84 ? 108 HOH B O   1 
HETATM 783 O O   . HOH D 3 .  ? -7.567  -10.314 23.501  1.00 22.49 ? 109 HOH B O   1 
HETATM 784 O O   . HOH D 3 .  ? 9.148   -9.890  -12.547 1.00 25.74 ? 110 HOH B O   1 
# 
